data_5U4Q
#
_entry.id   5U4Q
#
_cell.length_a   60.239
_cell.length_b   55.845
_cell.length_c   97.318
_cell.angle_alpha   90.00
_cell.angle_beta   93.21
_cell.angle_gamma   90.00
#
_symmetry.space_group_name_H-M   'P 1 21 1'
#
loop_
_entity.id
_entity.type
_entity.pdbx_description
1 polymer 'dTDP-glucose 4,6-dehydratase'
2 non-polymer NICOTINAMIDE-ADENINE-DINUCLEOTIDE
3 non-polymer 'CHLORIDE ION'
4 water water
#
_entity_poly.entity_id   1
_entity_poly.type   'polypeptide(L)'
_entity_poly.pdbx_seq_one_letter_code
;SNA(MSE)KFLVTGAAGFIGFHIAQRLLNEGHNVVGIDN(MSE)NDYYDVSLKQARLDRLAYPAFHFQQLDLADREG
(MSE)AKLFATEQFDRVIHLAAQAGVRYSLENPYAYADANL(MSE)GYLNILEGCRHTKVKHLVYASSSSVYGLNRK
(MSE)PFSTEDSVDHPVSLYAATKKANEL(MSE)AHTYSHLYGIPTTGLRFFTVYGPWGRPD(MSE)ALFKFTKA(MSE)
LEGKSIDVYNYGK(MSE)KRDFTYIDDIVEAVVRVLDVIPQANADWTVESGSPATSSAPYRVYNIGNSSPVEL(MSE)DY
ITALEEALG(MSE)EAQKN(MSE)(MSE)PIQPGDVLDTSADTQPLYDLVGFKPQTSVKDGVKNFVDWYKDYYQI
;
_entity_poly.pdbx_strand_id   A,B
#
loop_
_chem_comp.id
_chem_comp.type
_chem_comp.name
_chem_comp.formula
CL non-polymer 'CHLORIDE ION' 'Cl -1'
NAD non-polymer NICOTINAMIDE-ADENINE-DINUCLEOTIDE 'C21 H27 N7 O14 P2'
#
# COMPACT_ATOMS: atom_id res chain seq x y z
N ALA A 3 -33.24 9.30 8.92
CA ALA A 3 -32.25 9.84 7.95
C ALA A 3 -31.03 8.93 7.84
N MSE A 4 -30.28 9.10 6.76
N MSE A 4 -30.26 9.10 6.77
CA MSE A 4 -29.05 8.35 6.53
CA MSE A 4 -29.05 8.30 6.53
C MSE A 4 -28.00 8.91 7.44
C MSE A 4 -27.87 8.92 7.24
O MSE A 4 -28.01 10.11 7.74
O MSE A 4 -27.67 10.14 7.18
CB MSE A 4 -28.65 8.53 5.07
CB MSE A 4 -28.80 8.21 5.03
CG MSE A 4 -27.71 7.45 4.53
CG MSE A 4 -29.60 7.05 4.46
SE MSE A 4 -27.59 7.50 2.54
SE MSE A 4 -28.69 6.35 2.87
CE MSE A 4 -29.46 7.05 2.09
CE MSE A 4 -27.67 7.98 2.46
N LYS A 5 -27.07 8.07 7.88
CA LYS A 5 -25.93 8.50 8.70
C LYS A 5 -24.62 8.23 7.95
N PHE A 6 -23.83 9.29 7.80
CA PHE A 6 -22.54 9.23 7.15
C PHE A 6 -21.42 9.48 8.16
N LEU A 7 -20.33 8.76 8.00
CA LEU A 7 -19.09 9.08 8.68
C LEU A 7 -18.22 9.88 7.69
N VAL A 8 -17.72 11.03 8.13
CA VAL A 8 -16.76 11.80 7.34
C VAL A 8 -15.48 11.83 8.16
N THR A 9 -14.42 11.18 7.69
CA THR A 9 -13.14 11.26 8.38
C THR A 9 -12.36 12.44 7.83
N GLY A 10 -11.53 13.03 8.67
CA GLY A 10 -10.79 14.22 8.24
C GLY A 10 -11.73 15.40 8.16
N ALA A 11 -12.80 15.38 8.96
CA ALA A 11 -13.85 16.39 8.91
C ALA A 11 -13.45 17.80 9.29
N ALA A 12 -12.34 17.96 10.00
CA ALA A 12 -11.83 19.31 10.33
C ALA A 12 -10.85 19.80 9.28
N GLY A 13 -10.55 18.94 8.30
CA GLY A 13 -9.67 19.29 7.20
C GLY A 13 -10.43 19.94 6.08
N PHE A 14 -9.69 20.33 5.04
CA PHE A 14 -10.25 21.05 3.90
C PHE A 14 -11.39 20.37 3.20
N ILE A 15 -11.10 19.24 2.58
CA ILE A 15 -12.12 18.56 1.79
C ILE A 15 -13.22 18.01 2.72
N GLY A 16 -12.83 17.35 3.82
CA GLY A 16 -13.81 16.76 4.74
C GLY A 16 -14.78 17.75 5.31
N PHE A 17 -14.31 18.95 5.63
CA PHE A 17 -15.20 19.99 6.13
C PHE A 17 -16.30 20.27 5.08
N HIS A 18 -15.88 20.51 3.84
CA HIS A 18 -16.85 20.80 2.80
C HIS A 18 -17.83 19.68 2.51
N ILE A 19 -17.36 18.43 2.57
CA ILE A 19 -18.24 17.30 2.35
C ILE A 19 -19.24 17.21 3.51
N ALA A 20 -18.74 17.32 4.74
CA ALA A 20 -19.65 17.25 5.90
C ALA A 20 -20.71 18.36 5.83
N GLN A 21 -20.26 19.59 5.51
CA GLN A 21 -21.19 20.73 5.44
C GLN A 21 -22.31 20.47 4.39
N ARG A 22 -21.92 19.97 3.22
N ARG A 22 -21.92 19.97 3.22
CA ARG A 22 -22.89 19.70 2.17
CA ARG A 22 -22.91 19.69 2.17
C ARG A 22 -23.89 18.62 2.61
C ARG A 22 -23.90 18.63 2.63
N LEU A 23 -23.38 17.56 3.24
CA LEU A 23 -24.25 16.46 3.64
C LEU A 23 -25.23 16.93 4.71
N LEU A 24 -24.75 17.79 5.61
CA LEU A 24 -25.64 18.36 6.62
C LEU A 24 -26.70 19.21 5.99
N ASN A 25 -26.32 20.01 5.01
CA ASN A 25 -27.29 20.86 4.32
C ASN A 25 -28.32 20.08 3.47
N GLU A 26 -28.01 18.82 3.15
N GLU A 26 -28.00 18.82 3.18
CA GLU A 26 -28.95 17.95 2.44
CA GLU A 26 -28.91 17.92 2.47
C GLU A 26 -29.90 17.22 3.41
C GLU A 26 -29.69 17.03 3.45
N GLY A 27 -29.73 17.46 4.71
CA GLY A 27 -30.58 16.83 5.73
C GLY A 27 -30.10 15.54 6.32
N HIS A 28 -28.84 15.16 6.08
CA HIS A 28 -28.34 13.90 6.60
C HIS A 28 -27.70 14.05 7.98
N ASN A 29 -27.57 12.92 8.67
CA ASN A 29 -26.88 12.83 9.93
C ASN A 29 -25.41 12.56 9.60
N VAL A 30 -24.51 13.28 10.25
CA VAL A 30 -23.09 13.14 9.98
C VAL A 30 -22.30 13.07 11.26
N VAL A 31 -21.38 12.12 11.33
CA VAL A 31 -20.41 12.08 12.39
C VAL A 31 -19.07 12.40 11.70
N GLY A 32 -18.40 13.40 12.23
CA GLY A 32 -17.07 13.80 11.74
C GLY A 32 -16.03 13.38 12.74
N ILE A 33 -14.89 12.85 12.26
CA ILE A 33 -13.76 12.57 13.13
C ILE A 33 -12.51 13.22 12.55
N ASP A 34 -11.57 13.57 13.44
CA ASP A 34 -10.31 14.15 13.06
C ASP A 34 -9.44 14.09 14.30
N ASN A 35 -8.13 13.97 14.11
CA ASN A 35 -7.24 13.99 15.28
C ASN A 35 -6.68 15.37 15.59
N MSE A 36 -7.08 16.37 14.80
CA MSE A 36 -6.67 17.77 15.02
C MSE A 36 -5.18 17.89 15.07
O MSE A 36 -4.63 18.63 15.89
CB MSE A 36 -7.32 18.33 16.32
CG MSE A 36 -8.82 18.10 16.37
SE MSE A 36 -9.76 18.97 14.87
CE MSE A 36 -9.68 20.83 15.45
N ASN A 37 -4.48 17.18 14.19
CA ASN A 37 -3.00 17.23 14.23
C ASN A 37 -2.50 18.59 13.79
N ASP A 38 -1.25 18.90 14.14
CA ASP A 38 -0.68 20.20 13.84
C ASP A 38 0.15 20.29 12.55
N TYR A 39 -0.12 19.43 11.57
N TYR A 39 -0.17 19.46 11.56
CA TYR A 39 0.61 19.51 10.29
CA TYR A 39 0.52 19.47 10.26
C TYR A 39 0.51 20.93 9.75
C TYR A 39 0.45 20.87 9.64
N TYR A 40 -0.64 21.57 9.97
CA TYR A 40 -0.81 23.00 9.67
C TYR A 40 -1.69 23.53 10.80
N ASP A 41 -1.89 24.85 10.83
CA ASP A 41 -2.57 25.55 11.91
C ASP A 41 -3.85 24.88 12.45
N VAL A 42 -3.77 24.39 13.69
CA VAL A 42 -4.94 23.76 14.33
C VAL A 42 -6.10 24.76 14.51
N SER A 43 -5.81 26.06 14.63
CA SER A 43 -6.88 27.04 14.76
C SER A 43 -7.77 27.08 13.51
N LEU A 44 -7.16 26.80 12.36
CA LEU A 44 -7.92 26.75 11.10
C LEU A 44 -8.85 25.52 11.10
N LYS A 45 -8.32 24.37 11.52
CA LYS A 45 -9.14 23.16 11.66
C LYS A 45 -10.31 23.41 12.63
N GLN A 46 -10.04 24.06 13.77
N GLN A 46 -10.02 24.06 13.77
CA GLN A 46 -11.12 24.32 14.71
CA GLN A 46 -11.08 24.38 14.74
C GLN A 46 -12.14 25.30 14.11
C GLN A 46 -12.12 25.30 14.12
N ALA A 47 -11.67 26.26 13.30
CA ALA A 47 -12.59 27.19 12.66
C ALA A 47 -13.52 26.43 11.70
N ARG A 48 -13.00 25.43 10.98
CA ARG A 48 -13.87 24.66 10.11
C ARG A 48 -14.89 23.89 10.94
N LEU A 49 -14.41 23.27 12.00
N LEU A 49 -14.44 23.24 12.01
CA LEU A 49 -15.25 22.48 12.88
CA LEU A 49 -15.38 22.50 12.84
C LEU A 49 -16.38 23.33 13.50
C LEU A 49 -16.47 23.40 13.38
N ASP A 50 -16.09 24.60 13.77
CA ASP A 50 -17.10 25.55 14.31
C ASP A 50 -18.25 25.78 13.33
N ARG A 51 -17.95 25.71 12.03
N ARG A 51 -17.94 25.75 12.03
CA ARG A 51 -18.95 25.91 10.99
CA ARG A 51 -18.94 25.95 10.99
C ARG A 51 -19.77 24.67 10.65
C ARG A 51 -19.86 24.74 10.80
N LEU A 52 -19.48 23.58 11.35
CA LEU A 52 -20.27 22.35 11.26
C LEU A 52 -21.21 22.18 12.44
N ALA A 53 -21.45 23.25 13.20
CA ALA A 53 -22.37 23.18 14.34
C ALA A 53 -23.81 23.11 13.82
N TYR A 54 -24.31 21.89 13.68
CA TYR A 54 -25.65 21.61 13.26
C TYR A 54 -26.17 20.53 14.20
N PRO A 55 -27.48 20.48 14.43
CA PRO A 55 -28.00 19.45 15.34
C PRO A 55 -27.73 18.02 14.86
N ALA A 56 -27.67 17.82 13.54
CA ALA A 56 -27.42 16.49 12.97
C ALA A 56 -25.91 16.14 12.83
N PHE A 57 -25.05 16.99 13.37
CA PHE A 57 -23.60 16.76 13.34
C PHE A 57 -23.07 16.46 14.71
N HIS A 58 -22.19 15.48 14.78
CA HIS A 58 -21.47 15.16 16.00
C HIS A 58 -20.01 14.96 15.64
N PHE A 59 -19.13 15.52 16.44
CA PHE A 59 -17.71 15.41 16.24
C PHE A 59 -17.04 14.60 17.31
N GLN A 60 -16.08 13.76 16.92
N GLN A 60 -16.08 13.78 16.92
CA GLN A 60 -15.26 12.99 17.86
CA GLN A 60 -15.26 13.09 17.90
C GLN A 60 -13.79 13.14 17.47
C GLN A 60 -13.81 13.20 17.47
N GLN A 61 -12.96 13.61 18.42
CA GLN A 61 -11.54 13.70 18.18
C GLN A 61 -11.04 12.29 18.38
N LEU A 62 -10.54 11.70 17.30
CA LEU A 62 -10.18 10.30 17.27
C LEU A 62 -9.10 10.12 16.23
N ASP A 63 -8.12 9.28 16.55
CA ASP A 63 -7.08 8.94 15.63
C ASP A 63 -7.47 7.69 14.85
N LEU A 64 -7.23 7.70 13.55
CA LEU A 64 -7.52 6.53 12.69
C LEU A 64 -6.79 5.26 13.15
N ALA A 65 -5.64 5.44 13.81
CA ALA A 65 -4.82 4.34 14.26
C ALA A 65 -5.23 3.77 15.61
N ASP A 66 -6.23 4.38 16.25
CA ASP A 66 -6.74 3.94 17.57
C ASP A 66 -7.73 2.81 17.27
N ARG A 67 -7.26 1.57 17.33
CA ARG A 67 -8.06 0.42 16.94
C ARG A 67 -9.33 0.29 17.76
N GLU A 68 -9.22 0.36 19.09
N GLU A 68 -9.21 0.37 19.08
CA GLU A 68 -10.40 0.23 19.94
CA GLU A 68 -10.35 0.24 19.98
C GLU A 68 -11.35 1.42 19.74
C GLU A 68 -11.32 1.42 19.83
N GLY A 69 -10.78 2.62 19.66
CA GLY A 69 -11.60 3.85 19.45
C GLY A 69 -12.36 3.79 18.12
N MSE A 70 -11.68 3.33 17.08
CA MSE A 70 -12.34 3.18 15.79
C MSE A 70 -13.43 2.13 15.80
O MSE A 70 -14.53 2.33 15.28
CB MSE A 70 -11.30 2.85 14.73
CG MSE A 70 -10.43 4.06 14.41
SE MSE A 70 -11.34 5.43 13.34
CE MSE A 70 -11.27 4.44 11.66
N ALA A 71 -13.15 0.99 16.44
CA ALA A 71 -14.16 -0.05 16.56
C ALA A 71 -15.40 0.46 17.32
N LYS A 72 -15.19 1.18 18.40
CA LYS A 72 -16.28 1.76 19.20
C LYS A 72 -17.13 2.73 18.36
N LEU A 73 -16.46 3.53 17.56
CA LEU A 73 -17.15 4.48 16.69
C LEU A 73 -18.09 3.74 15.72
N PHE A 74 -17.55 2.77 14.99
CA PHE A 74 -18.35 2.05 14.05
C PHE A 74 -19.47 1.27 14.75
N ALA A 75 -19.13 0.66 15.87
CA ALA A 75 -20.11 -0.16 16.58
C ALA A 75 -21.29 0.64 17.12
N THR A 76 -20.98 1.79 17.72
CA THR A 76 -22.05 2.62 18.31
C THR A 76 -22.88 3.37 17.27
N GLU A 77 -22.25 3.76 16.17
CA GLU A 77 -22.94 4.61 15.21
C GLU A 77 -23.69 3.91 14.09
N GLN A 78 -23.24 2.72 13.69
N GLN A 78 -23.25 2.72 13.69
CA GLN A 78 -23.88 1.94 12.63
CA GLN A 78 -23.89 1.97 12.62
C GLN A 78 -24.15 2.81 11.37
C GLN A 78 -24.15 2.84 11.37
N PHE A 79 -23.05 3.27 10.77
CA PHE A 79 -23.08 4.09 9.58
C PHE A 79 -23.70 3.41 8.35
N ASP A 80 -24.41 4.20 7.56
CA ASP A 80 -24.91 3.77 6.29
C ASP A 80 -23.82 3.88 5.23
N ARG A 81 -23.07 4.99 5.24
CA ARG A 81 -22.00 5.19 4.30
C ARG A 81 -20.81 5.87 4.97
N VAL A 82 -19.64 5.74 4.36
CA VAL A 82 -18.43 6.34 4.89
C VAL A 82 -17.72 7.04 3.76
N ILE A 83 -17.28 8.28 4.04
CA ILE A 83 -16.40 9.05 3.13
C ILE A 83 -15.11 9.26 3.90
N HIS A 84 -14.06 8.55 3.49
CA HIS A 84 -12.80 8.56 4.18
C HIS A 84 -11.81 9.48 3.49
N LEU A 85 -11.50 10.56 4.20
CA LEU A 85 -10.59 11.60 3.71
C LEU A 85 -9.37 11.81 4.60
N ALA A 86 -9.42 11.39 5.86
CA ALA A 86 -8.31 11.56 6.78
C ALA A 86 -7.08 10.80 6.30
N ALA A 87 -5.96 11.51 6.28
CA ALA A 87 -4.68 10.94 5.86
C ALA A 87 -3.59 11.96 6.07
N GLN A 88 -2.36 11.43 6.08
CA GLN A 88 -1.15 12.18 6.10
C GLN A 88 -0.86 12.44 4.64
N ALA A 89 -0.76 13.70 4.25
CA ALA A 89 -0.53 14.07 2.85
C ALA A 89 0.23 15.37 2.81
N ASN A 97 7.86 12.73 8.42
CA ASN A 97 7.83 11.54 9.28
C ASN A 97 7.18 10.38 8.53
N PRO A 98 7.99 9.43 8.01
CA PRO A 98 7.40 8.33 7.29
C PRO A 98 6.45 7.50 8.15
N TYR A 99 6.63 7.51 9.48
CA TYR A 99 5.80 6.70 10.35
C TYR A 99 4.37 7.19 10.41
N ALA A 100 4.16 8.50 10.15
CA ALA A 100 2.82 9.09 10.06
C ALA A 100 2.00 8.52 8.90
N TYR A 101 2.67 8.29 7.78
CA TYR A 101 2.01 7.71 6.61
C TYR A 101 1.57 6.30 6.91
N ALA A 102 2.42 5.56 7.57
CA ALA A 102 2.09 4.18 7.92
C ALA A 102 0.94 4.16 8.89
N ASP A 103 1.03 4.99 9.92
CA ASP A 103 -0.03 5.03 10.92
C ASP A 103 -1.38 5.45 10.35
N ALA A 104 -1.40 6.59 9.70
CA ALA A 104 -2.66 7.12 9.23
C ALA A 104 -3.14 6.43 7.97
N ASN A 105 -2.20 6.13 7.08
CA ASN A 105 -2.59 5.67 5.76
C ASN A 105 -2.59 4.18 5.54
N LEU A 106 -1.89 3.39 6.36
CA LEU A 106 -1.93 1.93 6.23
C LEU A 106 -2.80 1.33 7.35
N MSE A 107 -2.37 1.48 8.60
CA MSE A 107 -3.15 0.93 9.72
C MSE A 107 -4.49 1.61 9.84
O MSE A 107 -5.52 0.96 10.09
CB MSE A 107 -2.38 1.14 11.02
CG MSE A 107 -3.07 0.65 12.29
SE MSE A 107 -3.33 -1.31 12.30
CE MSE A 107 -1.43 -1.83 12.40
N GLY A 108 -4.50 2.92 9.71
CA GLY A 108 -5.74 3.64 9.78
C GLY A 108 -6.76 3.19 8.75
N TYR A 109 -6.27 2.91 7.55
CA TYR A 109 -7.15 2.47 6.47
C TYR A 109 -7.72 1.09 6.80
N LEU A 110 -6.90 0.22 7.39
CA LEU A 110 -7.40 -1.09 7.80
C LEU A 110 -8.50 -0.94 8.84
N ASN A 111 -8.34 -0.02 9.80
CA ASN A 111 -9.40 0.19 10.82
C ASN A 111 -10.70 0.61 10.14
N ILE A 112 -10.62 1.48 9.13
CA ILE A 112 -11.80 1.85 8.37
C ILE A 112 -12.42 0.60 7.70
N LEU A 113 -11.60 -0.21 7.01
CA LEU A 113 -12.13 -1.38 6.31
C LEU A 113 -12.79 -2.37 7.28
N GLU A 114 -12.14 -2.59 8.41
CA GLU A 114 -12.68 -3.48 9.44
C GLU A 114 -14.02 -2.98 9.95
N GLY A 115 -14.11 -1.68 10.20
CA GLY A 115 -15.34 -1.06 10.67
C GLY A 115 -16.44 -1.25 9.64
N CYS A 116 -16.12 -1.05 8.37
CA CYS A 116 -17.10 -1.23 7.29
C CYS A 116 -17.53 -2.70 7.16
N ARG A 117 -16.58 -3.60 7.32
CA ARG A 117 -16.84 -5.02 7.24
C ARG A 117 -17.79 -5.48 8.34
N HIS A 118 -17.41 -5.23 9.57
CA HIS A 118 -18.19 -5.75 10.71
C HIS A 118 -19.55 -5.11 10.93
N THR A 119 -19.73 -3.89 10.44
CA THR A 119 -21.03 -3.21 10.59
C THR A 119 -21.79 -3.11 9.25
N LYS A 120 -21.29 -3.77 8.22
CA LYS A 120 -21.97 -3.82 6.93
C LYS A 120 -22.33 -2.48 6.34
N VAL A 121 -21.33 -1.61 6.33
CA VAL A 121 -21.45 -0.30 5.67
C VAL A 121 -21.80 -0.50 4.19
N LYS A 122 -22.79 0.24 3.70
CA LYS A 122 -23.28 0.02 2.33
C LYS A 122 -22.44 0.60 1.21
N HIS A 123 -21.60 1.61 1.55
CA HIS A 123 -20.70 2.19 0.54
C HIS A 123 -19.58 2.92 1.25
N LEU A 124 -18.35 2.60 0.86
CA LEU A 124 -17.15 3.30 1.34
C LEU A 124 -16.54 4.02 0.15
N VAL A 125 -16.47 5.35 0.27
CA VAL A 125 -15.80 6.19 -0.70
C VAL A 125 -14.54 6.67 0.00
N TYR A 126 -13.39 6.66 -0.71
CA TYR A 126 -12.14 6.99 -0.03
C TYR A 126 -11.23 7.74 -0.96
N ALA A 127 -10.38 8.56 -0.35
CA ALA A 127 -9.43 9.37 -1.11
C ALA A 127 -8.20 8.58 -1.51
N SER A 128 -7.94 8.54 -2.80
CA SER A 128 -6.68 8.09 -3.35
C SER A 128 -5.97 9.36 -3.87
N SER A 129 -5.04 9.20 -4.81
CA SER A 129 -4.27 10.34 -5.27
C SER A 129 -3.69 10.12 -6.65
N SER A 130 -3.59 11.20 -7.41
CA SER A 130 -2.92 11.15 -8.71
C SER A 130 -1.44 10.75 -8.59
N SER A 131 -0.87 10.85 -7.39
CA SER A 131 0.53 10.44 -7.22
C SER A 131 0.75 8.95 -7.54
N VAL A 132 -0.31 8.13 -7.54
CA VAL A 132 -0.15 6.70 -7.85
C VAL A 132 0.40 6.50 -9.26
N TYR A 133 0.22 7.49 -10.13
CA TYR A 133 0.71 7.40 -11.52
C TYR A 133 2.23 7.32 -11.58
N GLY A 134 2.90 7.74 -10.51
CA GLY A 134 4.35 7.54 -10.37
C GLY A 134 5.21 7.87 -11.58
N LEU A 135 5.95 6.89 -12.06
CA LEU A 135 6.87 7.09 -13.20
C LEU A 135 6.18 7.12 -14.55
N ASN A 136 4.86 6.89 -14.59
CA ASN A 136 4.13 6.90 -15.86
C ASN A 136 4.35 8.20 -16.64
N ARG A 137 4.47 8.08 -17.96
N ARG A 137 4.47 8.07 -17.95
CA ARG A 137 4.65 9.24 -18.84
CA ARG A 137 4.66 9.22 -18.85
C ARG A 137 3.58 9.41 -19.92
C ARG A 137 3.56 9.40 -19.91
N LYS A 138 2.85 8.33 -20.24
CA LYS A 138 1.79 8.40 -21.26
C LYS A 138 0.63 9.27 -20.77
N MSE A 139 0.31 10.32 -21.52
CA MSE A 139 -0.80 11.22 -21.19
C MSE A 139 -1.97 11.00 -22.13
O MSE A 139 -1.75 10.62 -23.28
CB MSE A 139 -0.41 12.68 -21.35
CG MSE A 139 0.78 13.07 -20.50
SE MSE A 139 0.38 12.76 -18.59
CE MSE A 139 2.21 13.12 -17.94
N PRO A 140 -3.21 11.18 -21.67
CA PRO A 140 -3.55 11.56 -20.29
C PRO A 140 -3.44 10.39 -19.31
N PHE A 141 -3.26 10.69 -18.02
CA PHE A 141 -3.28 9.64 -17.02
C PHE A 141 -4.70 9.06 -16.96
N SER A 142 -4.82 7.74 -17.10
CA SER A 142 -6.09 7.06 -17.09
C SER A 142 -6.10 5.96 -16.05
N THR A 143 -7.26 5.69 -15.46
CA THR A 143 -7.36 4.58 -14.54
C THR A 143 -7.13 3.20 -15.22
N GLU A 144 -7.04 3.18 -16.55
CA GLU A 144 -6.66 1.94 -17.22
C GLU A 144 -5.14 1.68 -17.14
N ASP A 145 -4.37 2.70 -16.75
CA ASP A 145 -2.91 2.66 -16.72
C ASP A 145 -2.37 1.87 -15.53
N SER A 146 -1.15 1.34 -15.68
CA SER A 146 -0.51 0.65 -14.58
C SER A 146 -0.10 1.69 -13.56
N VAL A 147 -0.16 1.30 -12.30
CA VAL A 147 0.18 2.17 -11.18
C VAL A 147 1.00 1.34 -10.18
N ASP A 148 2.07 0.76 -10.72
CA ASP A 148 3.00 -0.13 -10.02
C ASP A 148 4.33 0.50 -9.61
N HIS A 149 4.55 1.74 -10.00
CA HIS A 149 5.86 2.37 -9.83
C HIS A 149 5.80 3.70 -9.13
N PRO A 150 5.31 3.69 -7.88
CA PRO A 150 5.23 4.94 -7.15
C PRO A 150 6.59 5.54 -6.85
N VAL A 151 6.64 6.87 -6.83
CA VAL A 151 7.87 7.58 -6.50
C VAL A 151 7.88 8.24 -5.13
N SER A 152 6.82 8.04 -4.33
CA SER A 152 6.79 8.57 -2.95
C SER A 152 6.09 7.57 -2.05
N LEU A 153 6.42 7.61 -0.76
CA LEU A 153 5.74 6.73 0.19
C LEU A 153 4.24 7.06 0.24
N TYR A 154 3.90 8.34 0.18
CA TYR A 154 2.50 8.78 0.12
C TYR A 154 1.76 8.05 -1.02
N ALA A 155 2.34 8.08 -2.23
CA ALA A 155 1.74 7.39 -3.40
C ALA A 155 1.59 5.88 -3.13
N ALA A 156 2.65 5.25 -2.64
CA ALA A 156 2.60 3.82 -2.36
C ALA A 156 1.48 3.51 -1.37
N THR A 157 1.29 4.35 -0.36
CA THR A 157 0.21 4.08 0.62
C THR A 157 -1.18 4.23 -0.02
N LYS A 158 -1.34 5.17 -0.93
CA LYS A 158 -2.62 5.33 -1.60
C LYS A 158 -2.94 4.15 -2.50
N LYS A 159 -1.94 3.65 -3.25
CA LYS A 159 -2.16 2.45 -4.04
C LYS A 159 -2.44 1.27 -3.11
N ALA A 160 -1.72 1.21 -1.98
CA ALA A 160 -2.02 0.16 -1.03
C ALA A 160 -3.48 0.22 -0.57
N ASN A 161 -4.01 1.43 -0.37
CA ASN A 161 -5.44 1.58 0.02
C ASN A 161 -6.33 0.97 -1.06
N GLU A 162 -6.02 1.23 -2.33
CA GLU A 162 -6.82 0.67 -3.43
C GLU A 162 -6.77 -0.86 -3.40
N LEU A 163 -5.58 -1.41 -3.12
CA LEU A 163 -5.41 -2.87 -3.08
C LEU A 163 -6.21 -3.48 -1.95
N MSE A 164 -6.15 -2.82 -0.79
N MSE A 164 -6.16 -2.83 -0.78
CA MSE A 164 -6.88 -3.28 0.38
CA MSE A 164 -6.89 -3.29 0.40
C MSE A 164 -8.38 -3.19 0.15
C MSE A 164 -8.38 -3.18 0.17
O MSE A 164 -9.12 -4.10 0.50
O MSE A 164 -9.14 -4.06 0.58
CB MSE A 164 -6.40 -2.50 1.61
CB MSE A 164 -6.43 -2.53 1.65
CG MSE A 164 -4.92 -2.76 1.90
CG MSE A 164 -5.06 -3.00 2.13
SE MSE A 164 -4.08 -1.36 3.02
SE MSE A 164 -4.64 -2.32 3.94
CE MSE A 164 -5.01 -1.70 4.71
CE MSE A 164 -3.94 -0.56 3.38
N ALA A 165 -8.83 -2.09 -0.47
CA ALA A 165 -10.25 -1.93 -0.81
C ALA A 165 -10.69 -3.08 -1.73
N HIS A 166 -9.85 -3.42 -2.70
CA HIS A 166 -10.21 -4.49 -3.63
C HIS A 166 -10.45 -5.80 -2.86
N THR A 167 -9.52 -6.14 -1.97
N THR A 167 -9.51 -6.10 -1.98
CA THR A 167 -9.67 -7.38 -1.19
CA THR A 167 -9.59 -7.26 -1.12
C THR A 167 -10.93 -7.40 -0.30
C THR A 167 -10.92 -7.36 -0.39
N TYR A 168 -11.28 -6.28 0.30
CA TYR A 168 -12.48 -6.22 1.15
C TYR A 168 -13.76 -6.26 0.32
N SER A 169 -13.76 -5.60 -0.82
CA SER A 169 -14.91 -5.68 -1.75
C SER A 169 -15.09 -7.13 -2.22
N HIS A 170 -13.98 -7.77 -2.57
CA HIS A 170 -14.03 -9.14 -3.06
C HIS A 170 -14.52 -10.14 -1.99
N LEU A 171 -13.89 -10.09 -0.84
CA LEU A 171 -14.18 -11.05 0.24
C LEU A 171 -15.49 -10.83 0.96
N TYR A 172 -15.86 -9.56 1.18
CA TYR A 172 -16.98 -9.26 2.05
C TYR A 172 -18.12 -8.52 1.37
N GLY A 173 -17.93 -8.18 0.11
CA GLY A 173 -18.96 -7.51 -0.68
C GLY A 173 -19.19 -6.05 -0.33
N ILE A 174 -18.25 -5.44 0.39
CA ILE A 174 -18.36 -4.03 0.76
C ILE A 174 -18.11 -3.22 -0.51
N PRO A 175 -19.09 -2.41 -0.95
CA PRO A 175 -18.83 -1.63 -2.14
C PRO A 175 -17.85 -0.51 -1.87
N THR A 176 -16.82 -0.39 -2.71
CA THR A 176 -15.80 0.63 -2.48
C THR A 176 -15.56 1.43 -3.73
N THR A 177 -15.43 2.75 -3.55
CA THR A 177 -15.08 3.66 -4.63
C THR A 177 -13.90 4.55 -4.17
N GLY A 178 -12.76 4.41 -4.86
CA GLY A 178 -11.61 5.26 -4.61
C GLY A 178 -11.57 6.42 -5.60
N LEU A 179 -11.16 7.57 -5.12
CA LEU A 179 -11.11 8.79 -5.95
C LEU A 179 -9.70 9.33 -5.99
N ARG A 180 -9.07 9.31 -7.16
CA ARG A 180 -7.71 9.80 -7.36
C ARG A 180 -7.77 11.30 -7.57
N PHE A 181 -7.55 12.03 -6.47
CA PHE A 181 -7.55 13.48 -6.47
C PHE A 181 -6.24 14.03 -7.06
N PHE A 182 -6.35 15.18 -7.73
CA PHE A 182 -5.21 15.89 -8.29
C PHE A 182 -4.93 17.08 -7.34
N THR A 183 -5.29 18.29 -7.69
CA THR A 183 -5.18 19.41 -6.74
C THR A 183 -6.56 20.08 -6.60
N VAL A 184 -6.94 20.34 -5.36
CA VAL A 184 -8.21 20.99 -5.05
C VAL A 184 -7.89 22.35 -4.42
N TYR A 185 -8.73 23.35 -4.68
CA TYR A 185 -8.49 24.69 -4.14
C TYR A 185 -9.80 25.40 -3.77
N GLY A 186 -9.69 26.36 -2.87
CA GLY A 186 -10.83 27.19 -2.52
C GLY A 186 -10.90 27.61 -1.08
N PRO A 187 -12.01 28.30 -0.74
CA PRO A 187 -12.24 28.73 0.63
C PRO A 187 -12.03 27.59 1.66
N TRP A 188 -11.41 27.93 2.77
CA TRP A 188 -11.08 26.99 3.83
C TRP A 188 -10.06 25.94 3.37
N GLY A 189 -9.26 26.29 2.33
CA GLY A 189 -8.22 25.44 1.82
C GLY A 189 -7.09 25.16 2.79
N ARG A 190 -6.09 24.43 2.33
CA ARG A 190 -4.96 24.15 3.20
C ARG A 190 -3.77 25.07 2.88
N PRO A 191 -3.13 25.62 3.93
CA PRO A 191 -2.06 26.61 3.72
C PRO A 191 -0.83 26.16 2.94
N ASP A 192 -0.60 24.85 2.89
CA ASP A 192 0.56 24.27 2.22
C ASP A 192 0.34 23.92 0.76
N MSE A 193 -0.84 24.22 0.21
N MSE A 193 -0.85 24.21 0.22
CA MSE A 193 -1.13 23.87 -1.17
CA MSE A 193 -1.16 23.85 -1.16
C MSE A 193 -1.91 24.88 -1.94
C MSE A 193 -1.92 24.88 -1.93
O MSE A 193 -2.56 25.76 -1.36
O MSE A 193 -2.57 25.75 -1.37
CB MSE A 193 -1.98 22.59 -1.20
CB MSE A 193 -2.16 22.69 -1.16
CG MSE A 193 -1.36 21.45 -0.42
CG MSE A 193 -1.66 21.43 -0.49
SE MSE A 193 -2.15 19.71 -0.89
SE MSE A 193 -0.55 20.43 -1.78
CE MSE A 193 -0.68 18.60 -0.21
CE MSE A 193 -1.89 20.23 -3.20
N ALA A 194 -1.83 24.75 -3.27
CA ALA A 194 -2.68 25.51 -4.21
C ALA A 194 -2.71 27.01 -4.04
N LEU A 195 -3.88 27.65 -4.17
CA LEU A 195 -3.91 29.10 -4.10
C LEU A 195 -3.52 29.66 -2.75
N PHE A 196 -3.88 28.94 -1.69
CA PHE A 196 -3.54 29.36 -0.33
C PHE A 196 -2.00 29.44 -0.22
N LYS A 197 -1.31 28.43 -0.72
CA LYS A 197 0.17 28.43 -0.69
C LYS A 197 0.70 29.67 -1.40
N PHE A 198 0.19 29.95 -2.60
CA PHE A 198 0.67 31.15 -3.33
C PHE A 198 0.33 32.45 -2.61
N THR A 199 -0.88 32.54 -2.07
CA THR A 199 -1.33 33.76 -1.39
C THR A 199 -0.48 34.06 -0.16
N LYS A 200 -0.22 33.03 0.63
N LYS A 200 -0.19 33.03 0.63
CA LYS A 200 0.62 33.15 1.82
CA LYS A 200 0.61 33.19 1.83
C LYS A 200 2.01 33.65 1.41
C LYS A 200 2.05 33.61 1.46
N ALA A 201 2.58 33.01 0.40
CA ALA A 201 3.93 33.37 -0.11
C ALA A 201 3.95 34.83 -0.56
N MSE A 202 2.94 35.23 -1.32
CA MSE A 202 2.80 36.62 -1.81
C MSE A 202 2.70 37.63 -0.70
O MSE A 202 3.43 38.62 -0.72
CB MSE A 202 1.57 36.78 -2.68
CG MSE A 202 1.89 36.24 -4.05
SE MSE A 202 0.25 36.12 -5.10
CE MSE A 202 -0.01 38.01 -5.44
N LEU A 203 1.83 37.38 0.27
CA LEU A 203 1.63 38.33 1.38
C LEU A 203 2.82 38.37 2.35
N GLU A 204 3.64 37.31 2.36
CA GLU A 204 4.86 37.27 3.18
C GLU A 204 6.12 37.69 2.38
N GLY A 205 5.95 38.09 1.12
CA GLY A 205 7.07 38.51 0.28
C GLY A 205 8.03 37.39 -0.13
N LYS A 206 7.57 36.14 -0.06
CA LYS A 206 8.38 34.98 -0.41
C LYS A 206 8.24 34.67 -1.89
N SER A 207 9.32 34.22 -2.49
CA SER A 207 9.31 33.91 -3.91
C SER A 207 8.59 32.60 -4.19
N ILE A 208 7.85 32.57 -5.29
CA ILE A 208 7.19 31.37 -5.76
C ILE A 208 8.05 30.76 -6.87
N ASP A 209 8.28 29.45 -6.79
CA ASP A 209 9.04 28.77 -7.84
C ASP A 209 8.11 28.58 -9.03
N VAL A 210 8.59 28.96 -10.21
CA VAL A 210 7.82 28.87 -11.44
C VAL A 210 8.57 28.01 -12.45
N TYR A 211 7.99 26.86 -12.80
CA TYR A 211 8.57 25.92 -13.78
C TYR A 211 8.02 26.09 -15.18
N ASN A 212 8.84 25.75 -16.18
CA ASN A 212 8.44 25.76 -17.59
C ASN A 212 7.71 27.05 -18.04
N TYR A 213 8.28 28.18 -17.67
CA TYR A 213 7.76 29.51 -18.06
C TYR A 213 6.30 29.72 -17.60
N GLY A 214 5.92 29.07 -16.50
CA GLY A 214 4.55 29.19 -15.98
C GLY A 214 3.51 28.47 -16.80
N LYS A 215 3.95 27.70 -17.81
CA LYS A 215 3.01 27.00 -18.71
C LYS A 215 2.70 25.58 -18.27
N MSE A 216 3.11 25.19 -17.07
CA MSE A 216 2.78 23.85 -16.55
C MSE A 216 1.30 23.78 -16.38
O MSE A 216 0.72 24.68 -15.78
CB MSE A 216 3.48 23.60 -15.21
CG MSE A 216 3.83 22.13 -15.06
SE MSE A 216 5.35 21.80 -16.29
CE MSE A 216 4.48 20.53 -17.52
N LYS A 217 0.67 22.74 -16.93
CA LYS A 217 -0.79 22.60 -16.82
C LYS A 217 -1.14 21.80 -15.58
N ARG A 218 -1.37 22.52 -14.48
CA ARG A 218 -1.76 21.86 -13.23
C ARG A 218 -3.26 21.57 -13.27
N ASP A 219 -3.63 20.46 -12.67
CA ASP A 219 -5.00 20.04 -12.62
C ASP A 219 -5.54 20.56 -11.27
N PHE A 220 -6.14 21.75 -11.31
CA PHE A 220 -6.74 22.40 -10.14
C PHE A 220 -8.26 22.38 -10.31
N THR A 221 -8.97 21.88 -9.30
CA THR A 221 -10.42 21.86 -9.32
C THR A 221 -10.96 22.62 -8.13
N TYR A 222 -11.92 23.52 -8.39
CA TYR A 222 -12.55 24.29 -7.32
C TYR A 222 -13.32 23.37 -6.35
N ILE A 223 -13.19 23.66 -5.07
CA ILE A 223 -13.79 22.82 -4.03
C ILE A 223 -15.26 22.50 -4.25
N ASP A 224 -16.09 23.47 -4.64
CA ASP A 224 -17.51 23.17 -4.81
C ASP A 224 -17.76 22.11 -5.89
N ASP A 225 -16.95 22.11 -6.94
CA ASP A 225 -17.07 21.12 -8.01
C ASP A 225 -16.69 19.74 -7.48
N ILE A 226 -15.63 19.66 -6.67
CA ILE A 226 -15.28 18.39 -6.03
C ILE A 226 -16.42 17.89 -5.14
N VAL A 227 -16.99 18.78 -4.35
CA VAL A 227 -18.06 18.41 -3.42
C VAL A 227 -19.26 17.84 -4.18
N GLU A 228 -19.67 18.50 -5.27
CA GLU A 228 -20.80 18.02 -6.04
C GLU A 228 -20.53 16.60 -6.56
N ALA A 229 -19.32 16.37 -7.08
CA ALA A 229 -18.99 15.03 -7.61
C ALA A 229 -18.97 13.97 -6.52
N VAL A 230 -18.34 14.28 -5.40
CA VAL A 230 -18.24 13.30 -4.33
C VAL A 230 -19.60 12.96 -3.78
N VAL A 231 -20.46 13.95 -3.58
CA VAL A 231 -21.78 13.66 -3.01
C VAL A 231 -22.60 12.81 -4.01
N ARG A 232 -22.46 13.04 -5.31
CA ARG A 232 -23.12 12.18 -6.34
C ARG A 232 -22.54 10.75 -6.30
N VAL A 233 -21.22 10.63 -6.21
CA VAL A 233 -20.57 9.32 -6.16
C VAL A 233 -21.01 8.51 -4.96
N LEU A 234 -21.18 9.16 -3.81
CA LEU A 234 -21.60 8.46 -2.59
C LEU A 234 -22.90 7.70 -2.82
N ASP A 235 -23.74 8.20 -3.73
CA ASP A 235 -25.04 7.57 -4.06
C ASP A 235 -24.99 6.54 -5.16
N VAL A 236 -23.83 6.33 -5.79
CA VAL A 236 -23.72 5.34 -6.86
C VAL A 236 -22.93 4.19 -6.25
N ILE A 237 -23.64 3.12 -5.92
CA ILE A 237 -23.05 1.98 -5.22
C ILE A 237 -22.53 0.92 -6.21
N PRO A 238 -21.22 0.63 -6.21
CA PRO A 238 -20.70 -0.37 -7.15
C PRO A 238 -21.30 -1.73 -6.92
N GLN A 239 -21.50 -2.45 -8.02
CA GLN A 239 -22.12 -3.77 -8.00
C GLN A 239 -21.14 -4.81 -8.50
N ALA A 240 -21.34 -6.03 -8.05
CA ALA A 240 -20.55 -7.16 -8.53
C ALA A 240 -20.81 -7.39 -10.03
N ASN A 241 -19.84 -7.96 -10.71
CA ASN A 241 -19.93 -8.19 -12.15
C ASN A 241 -19.25 -9.51 -12.54
N ALA A 242 -20.06 -10.53 -12.74
CA ALA A 242 -19.55 -11.85 -13.12
C ALA A 242 -18.86 -11.91 -14.48
N ASP A 243 -19.05 -10.90 -15.31
CA ASP A 243 -18.43 -10.87 -16.63
C ASP A 243 -17.05 -10.28 -16.70
N TRP A 244 -16.61 -9.65 -15.62
CA TRP A 244 -15.33 -9.03 -15.64
C TRP A 244 -14.17 -10.03 -15.53
N THR A 245 -13.11 -9.74 -16.25
CA THR A 245 -11.86 -10.46 -16.11
C THR A 245 -10.70 -9.48 -16.05
N VAL A 246 -9.60 -9.90 -15.43
CA VAL A 246 -8.40 -9.07 -15.43
C VAL A 246 -7.94 -8.78 -16.84
N GLU A 247 -8.01 -9.80 -17.70
CA GLU A 247 -7.50 -9.71 -19.05
C GLU A 247 -8.27 -8.70 -19.93
N SER A 248 -9.56 -8.51 -19.65
CA SER A 248 -10.39 -7.50 -20.36
C SER A 248 -10.72 -6.26 -19.49
N GLY A 249 -10.14 -6.18 -18.30
CA GLY A 249 -10.43 -5.06 -17.37
C GLY A 249 -9.32 -4.09 -17.13
N SER A 250 -9.32 -3.49 -15.92
CA SER A 250 -8.31 -2.51 -15.58
C SER A 250 -8.00 -2.56 -14.10
N PRO A 251 -6.93 -1.86 -13.66
CA PRO A 251 -6.62 -1.77 -12.22
C PRO A 251 -7.71 -1.06 -11.37
N ALA A 252 -8.69 -0.45 -12.04
CA ALA A 252 -9.74 0.36 -11.41
C ALA A 252 -11.15 -0.23 -11.49
N THR A 253 -11.27 -1.47 -11.99
CA THR A 253 -12.53 -2.17 -12.07
C THR A 253 -12.30 -3.59 -11.54
N SER A 254 -13.38 -4.38 -11.36
CA SER A 254 -13.26 -5.77 -10.88
C SER A 254 -14.58 -6.53 -11.03
N SER A 255 -14.54 -7.83 -10.80
CA SER A 255 -15.76 -8.60 -10.62
C SER A 255 -16.37 -8.27 -9.27
N ALA A 256 -15.52 -7.82 -8.31
CA ALA A 256 -15.98 -7.36 -7.02
C ALA A 256 -16.61 -5.98 -7.17
N PRO A 257 -17.40 -5.55 -6.18
CA PRO A 257 -18.02 -4.18 -6.20
C PRO A 257 -16.97 -3.13 -5.79
N TYR A 258 -16.02 -2.92 -6.69
CA TYR A 258 -14.84 -2.10 -6.50
C TYR A 258 -14.63 -1.22 -7.70
N ARG A 259 -14.43 0.08 -7.46
N ARG A 259 -14.41 0.07 -7.44
CA ARG A 259 -14.15 1.02 -8.55
CA ARG A 259 -14.16 1.03 -8.49
C ARG A 259 -13.20 2.11 -8.09
C ARG A 259 -13.12 2.05 -8.06
N VAL A 260 -12.39 2.60 -9.04
CA VAL A 260 -11.47 3.71 -8.80
C VAL A 260 -11.71 4.69 -9.98
N TYR A 261 -11.83 5.98 -9.67
CA TYR A 261 -11.99 7.03 -10.66
C TYR A 261 -11.01 8.18 -10.45
N ASN A 262 -10.54 8.75 -11.55
CA ASN A 262 -9.88 10.05 -11.48
C ASN A 262 -10.94 11.13 -11.22
N ILE A 263 -10.58 12.11 -10.41
CA ILE A 263 -11.47 13.25 -10.18
C ILE A 263 -10.62 14.52 -10.36
N GLY A 264 -11.02 15.39 -11.26
CA GLY A 264 -10.21 16.57 -11.57
C GLY A 264 -10.79 17.45 -12.64
N ASN A 265 -9.97 18.34 -13.19
CA ASN A 265 -10.47 19.40 -14.10
C ASN A 265 -9.69 19.40 -15.39
N SER A 266 -10.40 19.19 -16.50
CA SER A 266 -9.78 19.16 -17.83
C SER A 266 -9.47 20.52 -18.45
N SER A 267 -9.87 21.63 -17.81
CA SER A 267 -9.56 22.98 -18.33
C SER A 267 -8.08 23.09 -18.70
N PRO A 268 -7.73 23.79 -19.81
CA PRO A 268 -6.32 23.92 -20.25
C PRO A 268 -5.57 25.10 -19.62
N VAL A 269 -6.16 25.71 -18.59
CA VAL A 269 -5.50 26.80 -17.86
C VAL A 269 -4.17 26.34 -17.25
N GLU A 270 -3.16 27.19 -17.40
CA GLU A 270 -1.80 26.93 -16.94
C GLU A 270 -1.53 27.67 -15.64
N LEU A 271 -0.48 27.26 -14.94
CA LEU A 271 -0.11 27.83 -13.63
C LEU A 271 -0.10 29.37 -13.62
N MSE A 272 0.46 29.99 -14.66
CA MSE A 272 0.53 31.44 -14.69
C MSE A 272 -0.85 32.07 -14.70
O MSE A 272 -0.99 33.17 -14.25
CB MSE A 272 1.36 31.95 -15.88
CG MSE A 272 1.67 33.45 -15.83
SE MSE A 272 2.75 34.06 -14.30
CE MSE A 272 4.35 33.05 -14.83
N ASP A 273 -1.88 31.39 -15.20
CA ASP A 273 -3.24 31.98 -15.20
C ASP A 273 -3.72 32.19 -13.75
N TYR A 274 -3.41 31.23 -12.87
CA TYR A 274 -3.79 31.36 -11.45
C TYR A 274 -2.99 32.45 -10.76
N ILE A 275 -1.69 32.51 -11.03
CA ILE A 275 -0.84 33.54 -10.40
C ILE A 275 -1.30 34.93 -10.84
N THR A 276 -1.52 35.11 -12.14
CA THR A 276 -1.94 36.42 -12.64
C THR A 276 -3.27 36.85 -12.01
N ALA A 277 -4.20 35.91 -11.92
CA ALA A 277 -5.51 36.20 -11.32
C ALA A 277 -5.36 36.56 -9.83
N LEU A 278 -4.51 35.83 -9.11
CA LEU A 278 -4.25 36.17 -7.70
C LEU A 278 -3.65 37.54 -7.55
N GLU A 279 -2.70 37.85 -8.43
CA GLU A 279 -2.05 39.18 -8.37
C GLU A 279 -3.07 40.31 -8.51
N GLU A 280 -4.00 40.14 -9.43
CA GLU A 280 -5.06 41.12 -9.66
C GLU A 280 -5.97 41.23 -8.45
N ALA A 281 -6.34 40.09 -7.88
CA ALA A 281 -7.26 40.07 -6.74
C ALA A 281 -6.66 40.66 -5.48
N LEU A 282 -5.38 40.43 -5.29
CA LEU A 282 -4.66 40.92 -4.10
C LEU A 282 -4.03 42.29 -4.29
N GLY A 283 -4.03 42.77 -5.54
CA GLY A 283 -3.50 44.09 -5.87
C GLY A 283 -1.99 44.23 -5.75
N MSE A 284 -1.27 43.13 -5.92
CA MSE A 284 0.18 43.14 -5.83
C MSE A 284 0.81 42.18 -6.80
O MSE A 284 0.10 41.36 -7.40
CB MSE A 284 0.59 42.80 -4.41
CG MSE A 284 0.29 41.34 -4.07
SE MSE A 284 0.69 41.06 -2.16
CE MSE A 284 2.65 41.27 -2.25
N GLU A 285 2.12 42.28 -6.95
N GLU A 285 2.12 42.28 -6.96
CA GLU A 285 2.86 41.41 -7.87
CA GLU A 285 2.87 41.41 -7.84
C GLU A 285 3.68 40.40 -7.07
C GLU A 285 3.60 40.38 -7.00
N ALA A 286 3.59 39.14 -7.46
CA ALA A 286 4.29 38.06 -6.79
C ALA A 286 5.76 38.02 -7.20
N GLN A 287 6.63 37.69 -6.23
CA GLN A 287 8.05 37.48 -6.48
C GLN A 287 8.16 36.09 -7.07
N LYS A 288 8.89 35.94 -8.17
CA LYS A 288 9.02 34.67 -8.85
C LYS A 288 10.47 34.24 -9.03
N ASN A 289 10.72 32.94 -8.89
CA ASN A 289 12.03 32.34 -9.19
C ASN A 289 11.80 31.41 -10.39
N MSE A 290 12.45 31.70 -11.51
CA MSE A 290 12.25 30.88 -12.71
C MSE A 290 13.16 29.70 -12.64
O MSE A 290 14.39 29.83 -12.52
CB MSE A 290 12.53 31.69 -13.98
CG MSE A 290 11.86 33.05 -14.01
SE MSE A 290 9.92 32.97 -13.67
CE MSE A 290 9.43 31.70 -15.09
N MSE A 291 12.57 28.51 -12.72
CA MSE A 291 13.31 27.26 -12.62
C MSE A 291 13.73 26.86 -14.02
O MSE A 291 12.88 26.80 -14.91
CB MSE A 291 12.42 26.19 -11.98
CG MSE A 291 11.82 26.64 -10.66
SE MSE A 291 13.25 27.11 -9.37
CE MSE A 291 13.56 25.30 -8.64
N PRO A 292 15.03 26.58 -14.22
CA PRO A 292 15.47 26.22 -15.58
C PRO A 292 14.95 24.85 -16.02
N ILE A 293 14.68 24.72 -17.31
CA ILE A 293 14.13 23.48 -17.87
C ILE A 293 15.22 22.42 -17.99
N THR A 301 1.24 17.57 -19.04
CA THR A 301 0.50 16.66 -18.17
C THR A 301 -1.01 16.83 -18.35
N SER A 302 -1.74 15.72 -18.19
CA SER A 302 -3.21 15.72 -18.31
C SER A 302 -3.81 14.42 -17.76
N ALA A 303 -5.09 14.48 -17.42
CA ALA A 303 -5.80 13.34 -16.84
C ALA A 303 -7.14 13.11 -17.48
N ASP A 304 -7.51 11.84 -17.60
CA ASP A 304 -8.79 11.44 -18.20
C ASP A 304 -9.87 11.28 -17.11
N THR A 305 -10.93 12.09 -17.22
CA THR A 305 -12.06 11.98 -16.29
C THR A 305 -13.37 11.57 -16.98
N GLN A 306 -13.29 10.96 -18.16
CA GLN A 306 -14.50 10.45 -18.84
C GLN A 306 -15.31 9.44 -18.00
N PRO A 307 -14.62 8.54 -17.26
CA PRO A 307 -15.44 7.60 -16.54
C PRO A 307 -16.35 8.29 -15.49
N LEU A 308 -15.85 9.33 -14.80
CA LEU A 308 -16.69 9.98 -13.77
C LEU A 308 -17.78 10.82 -14.45
N TYR A 309 -17.49 11.36 -15.64
CA TYR A 309 -18.52 12.07 -16.43
C TYR A 309 -19.62 11.11 -16.86
N ASP A 310 -19.29 9.94 -17.37
CA ASP A 310 -20.32 8.98 -17.75
C ASP A 310 -21.07 8.49 -16.50
N LEU A 311 -20.43 8.51 -15.32
CA LEU A 311 -21.08 7.99 -14.13
C LEU A 311 -22.08 8.93 -13.45
N VAL A 312 -21.64 10.13 -13.06
N VAL A 312 -21.68 10.17 -13.23
CA VAL A 312 -22.48 11.07 -12.27
CA VAL A 312 -22.50 11.13 -12.53
C VAL A 312 -23.15 12.22 -13.06
C VAL A 312 -22.59 12.49 -13.25
N GLY A 313 -22.83 12.33 -14.35
N GLY A 313 -22.24 12.51 -14.53
CA GLY A 313 -23.47 13.37 -15.18
CA GLY A 313 -22.31 13.75 -15.32
C GLY A 313 -23.23 14.77 -14.68
C GLY A 313 -21.28 14.76 -14.89
N PHE A 314 -21.99 15.06 -14.30
N PHE A 314 -20.24 14.27 -14.21
CA PHE A 314 -21.60 16.41 -13.84
CA PHE A 314 -19.17 15.12 -13.68
C PHE A 314 -20.12 16.65 -14.12
C PHE A 314 -18.48 16.01 -14.69
N LYS A 315 -19.79 17.86 -14.59
N LYS A 315 -18.67 17.31 -14.52
CA LYS A 315 -18.40 18.25 -14.84
CA LYS A 315 -17.98 18.29 -15.31
C LYS A 315 -18.11 19.56 -14.09
C LYS A 315 -17.96 19.60 -14.51
N PRO A 316 -16.82 19.89 -13.87
CA PRO A 316 -16.61 21.13 -13.10
C PRO A 316 -17.11 22.36 -13.84
N GLN A 317 -17.77 23.25 -13.12
CA GLN A 317 -18.35 24.45 -13.72
C GLN A 317 -17.62 25.74 -13.35
N THR A 318 -16.72 25.72 -12.37
CA THR A 318 -16.14 26.96 -11.87
C THR A 318 -14.91 27.38 -12.64
N SER A 319 -14.93 28.60 -13.17
CA SER A 319 -13.76 29.12 -13.87
C SER A 319 -12.67 29.51 -12.88
N VAL A 320 -11.46 29.60 -13.39
CA VAL A 320 -10.34 30.10 -12.59
C VAL A 320 -10.65 31.53 -12.09
N LYS A 321 -11.21 32.36 -12.96
CA LYS A 321 -11.55 33.74 -12.63
C LYS A 321 -12.40 33.78 -11.36
N ASP A 322 -13.46 32.99 -11.34
CA ASP A 322 -14.34 32.95 -10.20
C ASP A 322 -13.75 32.22 -9.00
N GLY A 323 -13.08 31.10 -9.25
CA GLY A 323 -12.48 30.34 -8.17
C GLY A 323 -11.47 31.15 -7.36
N VAL A 324 -10.64 31.90 -8.08
CA VAL A 324 -9.64 32.74 -7.44
C VAL A 324 -10.31 33.85 -6.63
N LYS A 325 -11.32 34.50 -7.21
CA LYS A 325 -12.06 35.54 -6.48
C LYS A 325 -12.71 34.95 -5.22
N ASN A 326 -13.27 33.74 -5.33
CA ASN A 326 -13.90 33.08 -4.16
C ASN A 326 -12.87 32.83 -3.06
N PHE A 327 -11.68 32.37 -3.47
CA PHE A 327 -10.64 32.12 -2.51
C PHE A 327 -10.23 33.39 -1.77
N VAL A 328 -9.99 34.45 -2.54
CA VAL A 328 -9.50 35.70 -1.96
C VAL A 328 -10.53 36.33 -1.02
N ASP A 329 -11.80 36.26 -1.41
CA ASP A 329 -12.91 36.71 -0.54
C ASP A 329 -12.87 36.00 0.80
N TRP A 330 -12.67 34.68 0.75
CA TRP A 330 -12.56 33.91 1.99
C TRP A 330 -11.33 34.33 2.79
N TYR A 331 -10.19 34.37 2.14
CA TYR A 331 -8.91 34.63 2.81
C TYR A 331 -8.93 36.00 3.53
N LYS A 332 -9.38 37.02 2.83
CA LYS A 332 -9.36 38.39 3.40
C LYS A 332 -10.23 38.50 4.62
N ASP A 333 -11.38 37.87 4.56
CA ASP A 333 -12.31 37.88 5.67
C ASP A 333 -11.78 37.07 6.83
N TYR A 334 -11.28 35.87 6.56
CA TYR A 334 -10.82 35.00 7.65
C TYR A 334 -9.62 35.58 8.37
N TYR A 335 -8.67 36.13 7.60
CA TYR A 335 -7.44 36.70 8.16
C TYR A 335 -7.54 38.19 8.46
N GLN A 336 -8.71 38.76 8.26
CA GLN A 336 -8.95 40.17 8.56
C GLN A 336 -7.89 41.07 7.92
N ILE A 337 -7.69 40.83 6.63
CA ILE A 337 -6.76 41.58 5.81
C ILE A 337 -7.51 42.84 5.40
N ALA B 3 34.44 -10.24 7.23
CA ALA B 3 33.34 -10.96 6.54
C ALA B 3 32.12 -10.03 6.34
N MSE B 4 31.27 -10.40 5.40
CA MSE B 4 30.00 -9.66 5.14
C MSE B 4 29.04 -9.92 6.28
O MSE B 4 29.04 -11.02 6.85
CB MSE B 4 29.34 -10.17 3.85
CG MSE B 4 29.25 -9.12 2.75
SE MSE B 4 28.14 -9.87 1.29
CE MSE B 4 29.61 -10.19 0.03
N LYS B 5 28.21 -8.92 6.62
CA LYS B 5 27.22 -9.06 7.71
C LYS B 5 25.80 -9.00 7.11
N PHE B 6 25.07 -10.09 7.28
CA PHE B 6 23.71 -10.25 6.77
C PHE B 6 22.72 -10.24 7.92
N LEU B 7 21.59 -9.56 7.71
CA LEU B 7 20.44 -9.65 8.61
C LEU B 7 19.49 -10.65 7.99
N VAL B 8 19.10 -11.66 8.74
CA VAL B 8 18.05 -12.61 8.30
C VAL B 8 16.87 -12.40 9.26
N THR B 9 15.74 -11.85 8.77
CA THR B 9 14.57 -11.68 9.63
C THR B 9 13.75 -12.95 9.53
N GLY B 10 12.99 -13.26 10.60
CA GLY B 10 12.24 -14.52 10.61
C GLY B 10 13.17 -15.72 10.68
N ALA B 11 14.33 -15.53 11.32
CA ALA B 11 15.34 -16.57 11.35
C ALA B 11 14.96 -17.84 12.09
N ALA B 12 13.94 -17.79 12.95
CA ALA B 12 13.49 -19.02 13.62
C ALA B 12 12.41 -19.72 12.82
N GLY B 13 11.97 -19.09 11.75
CA GLY B 13 10.93 -19.66 10.91
C GLY B 13 11.51 -20.65 9.93
N PHE B 14 10.64 -21.25 9.13
CA PHE B 14 11.03 -22.29 8.17
C PHE B 14 12.08 -21.85 7.17
N ILE B 15 11.77 -20.87 6.33
CA ILE B 15 12.73 -20.47 5.31
C ILE B 15 13.92 -19.70 5.90
N GLY B 16 13.64 -18.86 6.89
CA GLY B 16 14.68 -18.06 7.56
C GLY B 16 15.73 -18.94 8.19
N PHE B 17 15.31 -20.01 8.84
CA PHE B 17 16.27 -20.94 9.45
C PHE B 17 17.21 -21.48 8.40
N HIS B 18 16.66 -21.97 7.30
CA HIS B 18 17.50 -22.57 6.25
C HIS B 18 18.41 -21.57 5.60
N ILE B 19 17.95 -20.34 5.39
CA ILE B 19 18.79 -19.32 4.78
C ILE B 19 19.92 -18.95 5.74
N ALA B 20 19.59 -18.70 7.01
CA ALA B 20 20.61 -18.35 7.99
C ALA B 20 21.66 -19.45 8.07
N GLN B 21 21.19 -20.70 8.12
CA GLN B 21 22.09 -21.87 8.23
C GLN B 21 23.07 -21.91 7.06
N ARG B 22 22.56 -21.71 5.85
N ARG B 22 22.57 -21.72 5.85
CA ARG B 22 23.40 -21.72 4.66
CA ARG B 22 23.42 -21.72 4.66
C ARG B 22 24.41 -20.59 4.64
C ARG B 22 24.43 -20.60 4.70
N LEU B 23 23.98 -19.39 5.01
CA LEU B 23 24.87 -18.21 5.07
C LEU B 23 25.98 -18.38 6.10
N LEU B 24 25.64 -19.00 7.22
CA LEU B 24 26.60 -19.30 8.29
C LEU B 24 27.62 -20.34 7.81
N ASN B 25 27.13 -21.35 7.08
CA ASN B 25 28.01 -22.40 6.53
C ASN B 25 28.96 -21.86 5.44
N GLU B 26 28.57 -20.74 4.82
CA GLU B 26 29.40 -20.08 3.78
C GLU B 26 30.37 -19.03 4.36
N GLY B 27 30.49 -18.99 5.69
CA GLY B 27 31.44 -18.10 6.35
C GLY B 27 31.00 -16.69 6.68
N HIS B 28 29.72 -16.37 6.45
CA HIS B 28 29.29 -15.00 6.72
C HIS B 28 28.89 -14.74 8.16
N ASN B 29 28.90 -13.47 8.54
CA ASN B 29 28.38 -13.06 9.83
C ASN B 29 26.86 -12.88 9.65
N VAL B 30 26.07 -13.53 10.50
CA VAL B 30 24.62 -13.44 10.41
C VAL B 30 23.96 -12.99 11.71
N VAL B 31 23.12 -11.97 11.62
CA VAL B 31 22.29 -11.54 12.72
C VAL B 31 20.88 -12.01 12.37
N GLY B 32 20.25 -12.76 13.27
CA GLY B 32 18.89 -13.24 13.08
C GLY B 32 17.98 -12.56 14.07
N ILE B 33 16.76 -12.24 13.61
CA ILE B 33 15.72 -11.70 14.47
C ILE B 33 14.43 -12.45 14.21
N ASP B 34 13.63 -12.56 15.26
CA ASP B 34 12.34 -13.22 15.18
C ASP B 34 11.60 -12.86 16.44
N ASN B 35 10.28 -12.72 16.38
CA ASN B 35 9.52 -12.45 17.62
C ASN B 35 8.98 -13.70 18.30
N MSE B 36 9.26 -14.87 17.74
CA MSE B 36 8.86 -16.16 18.35
C MSE B 36 7.39 -16.21 18.63
O MSE B 36 6.96 -16.78 19.64
CB MSE B 36 9.68 -16.44 19.63
CG MSE B 36 11.18 -16.26 19.45
SE MSE B 36 11.89 -17.48 18.10
CE MSE B 36 11.97 -19.11 19.20
N ASN B 37 6.59 -15.65 17.73
CA ASN B 37 5.12 -15.63 17.95
C ASN B 37 4.53 -17.03 17.91
N ASP B 38 3.35 -17.16 18.49
CA ASP B 38 2.73 -18.47 18.62
C ASP B 38 1.75 -18.89 17.50
N TYR B 39 1.90 -18.29 16.32
CA TYR B 39 1.03 -18.65 15.19
C TYR B 39 1.06 -20.17 14.98
N TYR B 40 2.22 -20.77 15.21
CA TYR B 40 2.32 -22.22 15.26
C TYR B 40 3.30 -22.55 16.38
N ASP B 41 3.38 -23.84 16.71
CA ASP B 41 4.21 -24.35 17.83
C ASP B 41 5.53 -23.59 17.99
N VAL B 42 5.62 -22.82 19.08
CA VAL B 42 6.81 -22.00 19.31
C VAL B 42 8.03 -22.88 19.57
N SER B 43 7.81 -24.09 20.10
CA SER B 43 8.93 -25.01 20.38
C SER B 43 9.60 -25.46 19.10
N LEU B 44 8.87 -25.48 17.98
CA LEU B 44 9.46 -25.82 16.70
C LEU B 44 10.39 -24.70 16.29
N LYS B 45 9.95 -23.45 16.47
CA LYS B 45 10.80 -22.30 16.16
C LYS B 45 12.07 -22.32 17.02
N GLN B 46 11.89 -22.67 18.29
CA GLN B 46 13.02 -22.77 19.22
C GLN B 46 13.97 -23.86 18.78
N ALA B 47 13.44 -25.00 18.32
CA ALA B 47 14.28 -26.09 17.82
C ALA B 47 15.16 -25.64 16.66
N ARG B 48 14.58 -24.88 15.72
CA ARG B 48 15.33 -24.35 14.60
C ARG B 48 16.42 -23.38 15.09
N LEU B 49 16.04 -22.48 15.99
N LEU B 49 16.06 -22.45 15.98
CA LEU B 49 16.93 -21.46 16.56
CA LEU B 49 17.05 -21.49 16.48
C LEU B 49 18.13 -22.09 17.28
C LEU B 49 18.21 -22.21 17.13
N ASP B 50 17.89 -23.24 17.91
CA ASP B 50 18.95 -23.99 18.60
C ASP B 50 20.00 -24.56 17.62
N ARG B 51 19.57 -24.91 16.39
CA ARG B 51 20.49 -25.44 15.39
C ARG B 51 21.34 -24.37 14.69
N LEU B 52 21.07 -23.10 14.99
CA LEU B 52 21.84 -21.97 14.44
C LEU B 52 22.93 -21.47 15.40
N ALA B 53 23.13 -22.15 16.52
CA ALA B 53 24.19 -21.75 17.43
C ALA B 53 25.54 -21.95 16.73
N TYR B 54 26.10 -20.85 16.23
CA TYR B 54 27.42 -20.81 15.57
C TYR B 54 28.13 -19.57 16.12
N PRO B 55 29.49 -19.55 16.10
CA PRO B 55 30.16 -18.35 16.60
C PRO B 55 29.79 -17.06 15.86
N ALA B 56 29.56 -17.18 14.54
CA ALA B 56 29.25 -16.02 13.70
C ALA B 56 27.76 -15.71 13.62
N PHE B 57 26.95 -16.39 14.45
CA PHE B 57 25.50 -16.13 14.54
C PHE B 57 25.13 -15.41 15.84
N HIS B 58 24.36 -14.34 15.71
CA HIS B 58 23.82 -13.59 16.85
C HIS B 58 22.33 -13.48 16.65
N PHE B 59 21.56 -13.82 17.68
CA PHE B 59 20.09 -13.75 17.62
C PHE B 59 19.56 -12.69 18.55
N GLN B 60 18.60 -11.93 18.05
N GLN B 60 18.42 -12.09 18.20
CA GLN B 60 17.95 -10.95 18.84
CA GLN B 60 17.70 -11.13 19.08
C GLN B 60 16.47 -11.13 18.67
C GLN B 60 16.17 -11.30 18.97
N GLN B 61 15.77 -11.36 19.77
N GLN B 61 15.45 -11.22 20.10
CA GLN B 61 14.32 -11.39 19.73
CA GLN B 61 13.99 -11.32 20.09
C GLN B 61 13.91 -9.92 19.62
C GLN B 61 13.45 -9.94 19.79
N LEU B 62 13.28 -9.61 18.51
CA LEU B 62 12.86 -8.27 18.14
C LEU B 62 11.65 -8.36 17.25
N ASP B 63 10.67 -7.52 17.51
CA ASP B 63 9.50 -7.46 16.68
C ASP B 63 9.75 -6.44 15.58
N LEU B 64 9.39 -6.81 14.35
CA LEU B 64 9.51 -5.89 13.22
C LEU B 64 8.80 -4.56 13.45
N ALA B 65 7.70 -4.59 14.19
CA ALA B 65 6.88 -3.38 14.43
C ALA B 65 7.47 -2.47 15.51
N ASP B 66 8.53 -2.91 16.17
CA ASP B 66 9.21 -2.13 17.22
C ASP B 66 10.12 -1.11 16.56
N ARG B 67 9.57 0.10 16.31
CA ARG B 67 10.28 1.18 15.61
C ARG B 67 11.63 1.51 16.18
N GLU B 68 11.66 1.84 17.47
CA GLU B 68 12.92 2.18 18.12
C GLU B 68 13.91 1.01 18.13
N GLY B 69 13.40 -0.19 18.42
CA GLY B 69 14.23 -1.38 18.45
C GLY B 69 14.86 -1.67 17.10
N MSE B 70 14.04 -1.55 16.06
CA MSE B 70 14.50 -1.79 14.70
C MSE B 70 15.50 -0.75 14.28
O MSE B 70 16.53 -1.09 13.71
CB MSE B 70 13.31 -1.81 13.74
CG MSE B 70 12.49 -3.08 13.91
SE MSE B 70 13.29 -4.62 12.99
CE MSE B 70 12.62 -4.05 11.21
N ALA B 71 15.21 0.52 14.55
CA ALA B 71 16.12 1.63 14.19
C ALA B 71 17.50 1.41 14.85
N LYS B 72 17.48 1.04 16.13
CA LYS B 72 18.71 0.79 16.89
C LYS B 72 19.51 -0.40 16.33
N LEU B 73 18.82 -1.49 15.98
CA LEU B 73 19.46 -2.65 15.37
C LEU B 73 20.22 -2.26 14.10
N PHE B 74 19.52 -1.58 13.19
CA PHE B 74 20.17 -1.16 11.95
C PHE B 74 21.35 -0.21 12.18
N ALA B 75 21.16 0.75 13.09
CA ALA B 75 22.20 1.77 13.36
C ALA B 75 23.43 1.13 13.96
N THR B 76 23.21 0.15 14.84
CA THR B 76 24.34 -0.50 15.51
C THR B 76 25.09 -1.52 14.66
N GLU B 77 24.36 -2.30 13.85
CA GLU B 77 24.95 -3.39 13.09
C GLU B 77 25.51 -3.06 11.71
N GLN B 78 25.03 -1.98 11.09
CA GLN B 78 25.50 -1.58 9.77
C GLN B 78 25.56 -2.77 8.82
N PHE B 79 24.39 -3.35 8.55
CA PHE B 79 24.31 -4.51 7.69
C PHE B 79 24.74 -4.26 6.25
N ASP B 80 25.39 -5.26 5.68
CA ASP B 80 25.78 -5.24 4.27
C ASP B 80 24.58 -5.60 3.39
N ARG B 81 23.83 -6.61 3.79
CA ARG B 81 22.65 -7.02 3.05
C ARG B 81 21.61 -7.50 4.02
N VAL B 82 20.36 -7.52 3.54
CA VAL B 82 19.22 -7.97 4.37
C VAL B 82 18.41 -8.96 3.56
N ILE B 83 18.06 -10.08 4.19
CA ILE B 83 17.13 -11.07 3.61
C ILE B 83 15.93 -11.08 4.55
N HIS B 84 14.84 -10.47 4.06
CA HIS B 84 13.65 -10.26 4.86
C HIS B 84 12.61 -11.31 4.60
N LEU B 85 12.40 -12.18 5.58
CA LEU B 85 11.44 -13.27 5.51
C LEU B 85 10.37 -13.18 6.59
N ALA B 86 10.60 -12.43 7.66
CA ALA B 86 9.59 -12.33 8.72
C ALA B 86 8.31 -11.70 8.17
N ALA B 87 7.18 -12.34 8.46
CA ALA B 87 5.87 -11.89 8.02
C ALA B 87 4.85 -12.81 8.65
N GLN B 88 3.60 -12.37 8.65
CA GLN B 88 2.48 -13.19 9.04
C GLN B 88 2.04 -13.82 7.73
N ALA B 89 2.23 -15.12 7.65
CA ALA B 89 1.96 -15.86 6.43
C ALA B 89 0.58 -16.44 6.51
N GLY B 90 0.24 -17.25 5.53
CA GLY B 90 -1.07 -17.87 5.48
C GLY B 90 -2.04 -16.89 4.85
N VAL B 91 -2.60 -17.31 3.73
CA VAL B 91 -3.58 -16.51 3.00
C VAL B 91 -4.93 -16.58 3.74
N ARG B 92 -5.24 -17.79 4.24
CA ARG B 92 -6.52 -18.08 4.88
C ARG B 92 -6.51 -17.65 6.34
N LEU B 95 -8.43 -13.64 6.60
CA LEU B 95 -9.77 -13.24 7.02
C LEU B 95 -9.86 -13.09 8.53
N GLU B 96 -9.20 -14.02 9.24
CA GLU B 96 -9.13 -13.99 10.68
C GLU B 96 -7.78 -13.44 11.08
N ASN B 97 -7.82 -12.45 11.96
CA ASN B 97 -6.65 -11.75 12.48
C ASN B 97 -5.98 -10.81 11.46
N PRO B 98 -6.76 -9.86 10.90
CA PRO B 98 -6.16 -8.92 9.96
C PRO B 98 -5.06 -8.04 10.57
N TYR B 99 -5.18 -7.70 11.84
CA TYR B 99 -4.23 -6.80 12.51
C TYR B 99 -2.80 -7.33 12.55
N ALA B 100 -2.67 -8.67 12.57
CA ALA B 100 -1.36 -9.35 12.51
C ALA B 100 -0.67 -9.08 11.20
N TYR B 101 -1.43 -9.04 10.11
CA TYR B 101 -0.87 -8.78 8.81
C TYR B 101 -0.45 -7.33 8.67
N ALA B 102 -1.25 -6.43 9.19
CA ALA B 102 -0.88 -5.03 9.15
C ALA B 102 0.37 -4.80 9.96
N ASP B 103 0.41 -5.34 11.16
CA ASP B 103 1.54 -5.13 12.05
C ASP B 103 2.83 -5.63 11.40
N ALA B 104 2.83 -6.88 11.03
CA ALA B 104 4.03 -7.52 10.52
C ALA B 104 4.37 -7.18 9.10
N ASN B 105 3.36 -7.15 8.26
CA ASN B 105 3.61 -7.04 6.82
C ASN B 105 3.56 -5.62 6.28
N LEU B 106 2.92 -4.70 6.98
CA LEU B 106 2.90 -3.32 6.52
C LEU B 106 3.85 -2.45 7.36
N MSE B 107 3.54 -2.29 8.64
CA MSE B 107 4.38 -1.47 9.52
C MSE B 107 5.78 -2.06 9.62
O MSE B 107 6.76 -1.33 9.57
CB MSE B 107 3.77 -1.37 10.92
CG MSE B 107 2.24 -1.23 11.04
SE MSE B 107 1.52 0.36 10.13
CE MSE B 107 2.20 1.66 11.44
N GLY B 108 5.86 -3.36 9.81
CA GLY B 108 7.14 -4.06 9.93
C GLY B 108 8.02 -3.89 8.72
N TYR B 109 7.41 -3.97 7.54
CA TYR B 109 8.19 -3.81 6.30
C TYR B 109 8.69 -2.39 6.17
N LEU B 110 7.89 -1.38 6.54
CA LEU B 110 8.37 -0.01 6.46
C LEU B 110 9.57 0.18 7.37
N ASN B 111 9.57 -0.48 8.54
CA ASN B 111 10.72 -0.36 9.44
C ASN B 111 11.98 -0.97 8.81
N ILE B 112 11.83 -2.06 8.07
CA ILE B 112 12.95 -2.67 7.34
C ILE B 112 13.49 -1.63 6.33
N LEU B 113 12.58 -1.05 5.57
CA LEU B 113 12.98 -0.08 4.57
C LEU B 113 13.69 1.12 5.18
N GLU B 114 13.16 1.65 6.28
CA GLU B 114 13.78 2.80 6.96
C GLU B 114 15.18 2.43 7.42
N GLY B 115 15.35 1.22 7.92
CA GLY B 115 16.68 0.76 8.35
C GLY B 115 17.65 0.74 7.18
N CYS B 116 17.18 0.20 6.06
CA CYS B 116 17.97 0.12 4.83
C CYS B 116 18.32 1.49 4.29
N ARG B 117 17.40 2.44 4.38
CA ARG B 117 17.65 3.80 3.93
C ARG B 117 18.72 4.51 4.78
N HIS B 118 18.53 4.50 6.08
CA HIS B 118 19.46 5.17 6.99
C HIS B 118 20.88 4.65 6.93
N THR B 119 21.04 3.34 6.74
CA THR B 119 22.37 2.71 6.76
C THR B 119 22.86 2.26 5.39
N LYS B 120 22.16 2.69 4.33
CA LYS B 120 22.54 2.36 2.96
C LYS B 120 22.88 0.90 2.79
N VAL B 121 21.91 0.05 3.11
CA VAL B 121 22.05 -1.39 2.89
C VAL B 121 22.27 -1.62 1.40
N LYS B 122 23.26 -2.45 1.06
CA LYS B 122 23.63 -2.68 -0.33
C LYS B 122 22.67 -3.52 -1.13
N HIS B 123 21.88 -4.37 -0.46
CA HIS B 123 20.87 -5.16 -1.15
C HIS B 123 19.85 -5.67 -0.13
N LEU B 124 18.57 -5.42 -0.43
CA LEU B 124 17.48 -5.94 0.36
C LEU B 124 16.77 -6.94 -0.51
N VAL B 125 16.74 -8.18 -0.10
CA VAL B 125 15.96 -9.23 -0.75
C VAL B 125 14.79 -9.52 0.20
N TYR B 126 13.55 -9.55 -0.31
CA TYR B 126 12.41 -9.76 0.58
C TYR B 126 11.41 -10.71 -0.03
N ALA B 127 10.64 -11.38 0.82
CA ALA B 127 9.66 -12.34 0.38
C ALA B 127 8.34 -11.70 0.00
N SER B 128 7.93 -11.96 -1.24
CA SER B 128 6.63 -11.59 -1.72
C SER B 128 5.83 -12.90 -1.80
N SER B 129 4.80 -12.97 -2.66
CA SER B 129 3.98 -14.14 -2.73
C SER B 129 3.27 -14.25 -4.06
N SER B 130 3.10 -15.51 -4.50
CA SER B 130 2.30 -15.75 -5.69
C SER B 130 0.85 -15.30 -5.53
N SER B 131 0.40 -15.12 -4.28
CA SER B 131 -0.98 -14.67 -4.08
C SER B 131 -1.25 -13.29 -4.65
N VAL B 132 -0.21 -12.53 -5.01
CA VAL B 132 -0.40 -11.20 -5.61
C VAL B 132 -1.12 -11.32 -6.97
N TYR B 133 -0.99 -12.47 -7.63
CA TYR B 133 -1.67 -12.69 -8.92
C TYR B 133 -3.19 -12.64 -8.81
N GLY B 134 -3.72 -12.91 -7.62
CA GLY B 134 -5.14 -12.72 -7.30
C GLY B 134 -6.15 -13.25 -8.31
N LEU B 135 -6.97 -12.35 -8.86
CA LEU B 135 -8.02 -12.70 -9.84
C LEU B 135 -7.48 -13.01 -11.24
N ASN B 136 -6.19 -12.80 -11.47
CA ASN B 136 -5.60 -13.08 -12.79
C ASN B 136 -5.87 -14.53 -13.20
N ARG B 137 -6.15 -14.72 -14.50
CA ARG B 137 -6.41 -16.07 -15.04
C ARG B 137 -5.48 -16.48 -16.18
N LYS B 138 -4.76 -15.53 -16.77
CA LYS B 138 -3.82 -15.83 -17.85
C LYS B 138 -2.61 -16.57 -17.29
N MSE B 139 -2.38 -17.81 -17.76
CA MSE B 139 -1.29 -18.65 -17.28
C MSE B 139 -0.25 -18.77 -18.36
O MSE B 139 -0.61 -18.66 -19.55
CB MSE B 139 -1.76 -20.07 -16.93
CG MSE B 139 -2.97 -20.16 -16.01
SE MSE B 139 -2.39 -19.84 -14.16
CE MSE B 139 -4.20 -19.70 -13.40
N PRO B 140 1.03 -18.98 -18.02
CA PRO B 140 1.52 -19.04 -16.64
C PRO B 140 1.64 -17.64 -16.05
N PHE B 141 1.53 -17.54 -14.72
CA PHE B 141 1.67 -16.25 -14.08
C PHE B 141 3.06 -15.74 -14.29
N SER B 142 3.16 -14.51 -14.76
CA SER B 142 4.39 -13.88 -15.09
C SER B 142 4.53 -12.52 -14.40
N THR B 143 5.74 -12.14 -14.04
CA THR B 143 6.01 -10.82 -13.44
C THR B 143 5.73 -9.64 -14.42
N GLU B 144 5.50 -9.94 -15.69
N GLU B 144 5.50 -9.95 -15.70
CA GLU B 144 5.11 -8.89 -16.64
CA GLU B 144 5.09 -8.95 -16.68
C GLU B 144 3.60 -8.58 -16.50
C GLU B 144 3.61 -8.58 -16.50
N ASP B 145 2.86 -9.44 -15.80
CA ASP B 145 1.40 -9.29 -15.64
C ASP B 145 1.02 -8.27 -14.57
N SER B 146 -0.13 -7.63 -14.76
CA SER B 146 -0.65 -6.71 -13.74
C SER B 146 -1.02 -7.51 -12.52
N VAL B 147 -0.82 -6.93 -11.33
CA VAL B 147 -1.16 -7.60 -10.06
C VAL B 147 -1.92 -6.60 -9.17
N ASP B 148 -3.08 -6.18 -9.66
CA ASP B 148 -3.92 -5.18 -9.03
C ASP B 148 -5.16 -5.71 -8.33
N HIS B 149 -5.38 -7.02 -8.36
CA HIS B 149 -6.66 -7.58 -7.91
C HIS B 149 -6.48 -8.69 -6.91
N PRO B 150 -5.82 -8.38 -5.76
CA PRO B 150 -5.65 -9.39 -4.73
C PRO B 150 -6.98 -9.84 -4.14
N VAL B 151 -7.05 -11.10 -3.70
CA VAL B 151 -8.25 -11.63 -3.06
C VAL B 151 -8.09 -11.99 -1.58
N SER B 152 -6.95 -11.64 -0.99
CA SER B 152 -6.76 -11.77 0.45
C SER B 152 -5.97 -10.57 0.96
N LEU B 153 -6.16 -10.21 2.22
CA LEU B 153 -5.40 -9.14 2.82
C LEU B 153 -3.90 -9.49 2.80
N TYR B 154 -3.55 -10.75 3.03
CA TYR B 154 -2.17 -11.19 2.95
C TYR B 154 -1.55 -10.82 1.59
N ALA B 155 -2.28 -11.13 0.51
CA ALA B 155 -1.78 -10.76 -0.82
C ALA B 155 -1.62 -9.26 -1.02
N ALA B 156 -2.60 -8.50 -0.55
CA ALA B 156 -2.54 -7.05 -0.66
C ALA B 156 -1.29 -6.53 0.08
N THR B 157 -0.97 -7.12 1.24
CA THR B 157 0.19 -6.66 1.98
C THR B 157 1.49 -6.97 1.24
N LYS B 158 1.54 -8.14 0.58
CA LYS B 158 2.73 -8.47 -0.17
C LYS B 158 2.93 -7.57 -1.37
N LYS B 159 1.85 -7.24 -2.07
CA LYS B 159 2.00 -6.31 -3.17
C LYS B 159 2.41 -4.94 -2.62
N ALA B 160 1.87 -4.55 -1.46
CA ALA B 160 2.25 -3.29 -0.84
C ALA B 160 3.74 -3.26 -0.53
N ASN B 161 4.31 -4.41 -0.14
CA ASN B 161 5.75 -4.49 0.09
C ASN B 161 6.51 -4.16 -1.23
N GLU B 162 6.03 -4.73 -2.35
CA GLU B 162 6.67 -4.42 -3.65
C GLU B 162 6.57 -2.94 -3.98
N LEU B 163 5.42 -2.33 -3.72
CA LEU B 163 5.26 -0.91 -4.01
C LEU B 163 6.19 -0.04 -3.15
N MSE B 164 6.29 -0.40 -1.87
N MSE B 164 6.29 -0.38 -1.86
CA MSE B 164 7.12 0.33 -0.92
CA MSE B 164 7.14 0.37 -0.93
C MSE B 164 8.58 0.16 -1.29
C MSE B 164 8.60 0.17 -1.28
O MSE B 164 9.34 1.11 -1.23
O MSE B 164 9.38 1.10 -1.18
CB MSE B 164 6.78 -0.17 0.48
CB MSE B 164 6.83 0.00 0.53
CG MSE B 164 5.35 0.24 0.86
CG MSE B 164 5.46 0.52 0.97
SE MSE B 164 4.61 -0.82 2.35
SE MSE B 164 5.22 0.35 2.92
CE MSE B 164 5.65 -0.01 3.80
CE MSE B 164 4.53 -1.51 2.87
N ALA B 165 8.95 -1.05 -1.70
CA ALA B 165 10.32 -1.35 -2.18
C ALA B 165 10.64 -0.47 -3.38
N HIS B 166 9.69 -0.39 -4.34
CA HIS B 166 9.93 0.47 -5.51
C HIS B 166 10.21 1.91 -5.10
N THR B 167 9.36 2.46 -4.22
CA THR B 167 9.50 3.82 -3.73
C THR B 167 10.89 4.07 -3.12
N TYR B 168 11.34 3.14 -2.31
CA TYR B 168 12.62 3.29 -1.62
C TYR B 168 13.79 3.09 -2.59
N SER B 169 13.67 2.17 -3.54
CA SER B 169 14.73 2.03 -4.56
C SER B 169 14.85 3.33 -5.37
N HIS B 170 13.72 3.88 -5.78
CA HIS B 170 13.71 5.10 -6.56
C HIS B 170 14.23 6.32 -5.80
N LEU B 171 13.76 6.53 -4.59
CA LEU B 171 14.16 7.72 -3.85
C LEU B 171 15.55 7.68 -3.27
N TYR B 172 15.95 6.52 -2.80
CA TYR B 172 17.19 6.40 -2.02
C TYR B 172 18.27 5.56 -2.64
N GLY B 173 17.97 4.92 -3.76
CA GLY B 173 18.93 4.06 -4.43
C GLY B 173 19.20 2.72 -3.80
N ILE B 174 18.36 2.31 -2.85
CA ILE B 174 18.53 1.01 -2.19
C ILE B 174 18.16 -0.11 -3.16
N PRO B 175 19.09 -1.01 -3.48
CA PRO B 175 18.69 -2.09 -4.38
C PRO B 175 17.77 -3.11 -3.74
N THR B 176 16.64 -3.38 -4.38
CA THR B 176 15.66 -4.30 -3.86
C THR B 176 15.29 -5.39 -4.84
N THR B 177 15.13 -6.61 -4.33
CA THR B 177 14.68 -7.74 -5.10
C THR B 177 13.58 -8.44 -4.32
N GLY B 178 12.36 -8.45 -4.85
CA GLY B 178 11.27 -9.19 -4.25
C GLY B 178 11.11 -10.54 -4.88
N LEU B 179 10.85 -11.56 -4.08
CA LEU B 179 10.68 -12.91 -4.57
C LEU B 179 9.27 -13.42 -4.35
N ARG B 180 8.53 -13.67 -5.43
CA ARG B 180 7.19 -14.20 -5.29
C ARG B 180 7.22 -15.73 -5.10
N PHE B 181 7.12 -16.15 -3.84
CA PHE B 181 7.07 -17.59 -3.49
C PHE B 181 5.75 -18.29 -3.79
N PHE B 182 5.82 -19.59 -4.10
CA PHE B 182 4.64 -20.45 -4.30
C PHE B 182 4.49 -21.41 -3.09
N THR B 183 4.71 -22.72 -3.25
CA THR B 183 4.68 -23.63 -2.09
C THR B 183 6.08 -24.19 -1.85
N VAL B 184 6.53 -24.04 -0.60
CA VAL B 184 7.84 -24.55 -0.17
C VAL B 184 7.61 -25.65 0.87
N TYR B 185 8.41 -26.73 0.80
CA TYR B 185 8.27 -27.85 1.73
C TYR B 185 9.64 -28.45 2.03
N GLY B 186 9.73 -29.16 3.13
CA GLY B 186 10.97 -29.83 3.51
C GLY B 186 11.10 -29.99 5.00
N PRO B 187 12.24 -30.54 5.43
CA PRO B 187 12.52 -30.67 6.85
C PRO B 187 12.41 -29.31 7.54
N TRP B 188 12.00 -29.31 8.81
CA TRP B 188 11.81 -28.11 9.61
C TRP B 188 10.71 -27.19 9.00
N GLY B 189 9.76 -27.80 8.28
CA GLY B 189 8.69 -27.07 7.63
C GLY B 189 7.62 -26.50 8.55
N ARG B 190 6.56 -25.98 7.94
CA ARG B 190 5.47 -25.36 8.68
C ARG B 190 4.33 -26.31 9.03
N PRO B 191 3.91 -26.34 10.31
CA PRO B 191 2.78 -27.17 10.76
C PRO B 191 1.45 -26.86 10.07
N ASP B 192 1.26 -25.61 9.67
CA ASP B 192 -0.02 -25.16 9.08
C ASP B 192 -0.17 -25.37 7.57
N MSE B 193 0.84 -25.92 6.90
CA MSE B 193 0.74 -26.19 5.45
C MSE B 193 0.38 -27.66 5.24
O MSE B 193 0.51 -28.49 6.15
CB MSE B 193 1.97 -25.62 4.72
CG MSE B 193 1.88 -24.08 4.73
SE MSE B 193 3.31 -23.17 3.72
CE MSE B 193 2.64 -23.58 1.91
N ALA B 194 -0.09 -27.96 4.04
CA ALA B 194 -0.62 -29.29 3.69
C ALA B 194 0.25 -30.52 4.02
N LEU B 195 1.47 -30.57 3.49
CA LEU B 195 2.34 -31.72 3.68
C LEU B 195 2.48 -32.16 5.15
N PHE B 196 2.63 -31.18 6.04
CA PHE B 196 2.76 -31.42 7.47
C PHE B 196 1.42 -31.90 8.04
N LYS B 197 0.36 -31.15 7.76
CA LYS B 197 -1.00 -31.51 8.20
C LYS B 197 -1.35 -32.94 7.84
N PHE B 198 -1.09 -33.30 6.58
CA PHE B 198 -1.38 -34.63 6.10
C PHE B 198 -0.61 -35.65 6.88
N THR B 199 0.71 -35.53 6.89
CA THR B 199 1.56 -36.46 7.63
C THR B 199 1.10 -36.66 9.07
N LYS B 200 0.72 -35.57 9.74
CA LYS B 200 0.27 -35.64 11.14
C LYS B 200 -1.07 -36.35 11.27
N ALA B 201 -2.06 -35.86 10.52
CA ALA B 201 -3.41 -36.45 10.53
C ALA B 201 -3.41 -37.89 10.04
N MSE B 202 -2.55 -38.17 9.05
CA MSE B 202 -2.40 -39.51 8.48
C MSE B 202 -1.93 -40.47 9.54
O MSE B 202 -2.47 -41.57 9.66
CB MSE B 202 -1.37 -39.49 7.35
CG MSE B 202 -1.70 -40.40 6.20
SE MSE B 202 -0.60 -39.78 4.69
CE MSE B 202 -1.80 -38.36 4.06
N LEU B 203 -0.92 -40.06 10.30
CA LEU B 203 -0.40 -40.90 11.39
C LEU B 203 -1.43 -41.03 12.51
N GLU B 204 -2.18 -39.96 12.76
CA GLU B 204 -3.24 -39.96 13.77
C GLU B 204 -4.56 -40.53 13.19
N GLY B 205 -5.55 -39.66 12.93
CA GLY B 205 -6.84 -40.09 12.39
C GLY B 205 -7.26 -39.27 11.20
N ARG B 218 -0.61 -27.30 -8.17
CA ARG B 218 0.27 -26.80 -7.11
C ARG B 218 1.74 -26.73 -7.58
N ASP B 219 2.50 -25.80 -7.00
CA ASP B 219 3.92 -25.57 -7.34
C ASP B 219 4.73 -25.77 -6.06
N PHE B 220 5.34 -26.94 -5.94
CA PHE B 220 6.13 -27.34 -4.78
C PHE B 220 7.63 -27.30 -5.06
N THR B 221 8.39 -26.59 -4.21
CA THR B 221 9.85 -26.53 -4.31
C THR B 221 10.44 -27.01 -3.01
N TYR B 222 11.39 -27.94 -3.09
CA TYR B 222 12.05 -28.44 -1.91
C TYR B 222 12.91 -27.33 -1.32
N ILE B 223 12.90 -27.22 0.01
CA ILE B 223 13.60 -26.16 0.72
C ILE B 223 15.07 -25.92 0.25
N ASP B 224 15.84 -26.98 0.05
CA ASP B 224 17.24 -26.81 -0.38
C ASP B 224 17.35 -26.08 -1.71
N ASP B 225 16.40 -26.31 -2.61
CA ASP B 225 16.39 -25.65 -3.91
C ASP B 225 16.06 -24.17 -3.77
N ILE B 226 15.16 -23.85 -2.83
CA ILE B 226 14.82 -22.46 -2.52
C ILE B 226 16.04 -21.73 -1.98
N VAL B 227 16.72 -22.36 -1.02
CA VAL B 227 17.89 -21.77 -0.37
C VAL B 227 18.97 -21.45 -1.39
N GLU B 228 19.23 -22.40 -2.29
CA GLU B 228 20.25 -22.20 -3.31
C GLU B 228 19.92 -20.97 -4.17
N ALA B 229 18.68 -20.85 -4.60
CA ALA B 229 18.29 -19.70 -5.41
C ALA B 229 18.36 -18.36 -4.66
N VAL B 230 17.91 -18.35 -3.41
CA VAL B 230 17.94 -17.09 -2.62
C VAL B 230 19.38 -16.62 -2.36
N VAL B 231 20.26 -17.55 -2.05
CA VAL B 231 21.66 -17.18 -1.76
C VAL B 231 22.37 -16.65 -3.02
N ARG B 232 22.04 -17.18 -4.21
CA ARG B 232 22.58 -16.62 -5.47
C ARG B 232 22.01 -15.22 -5.76
N VAL B 233 20.70 -15.06 -5.59
CA VAL B 233 20.04 -13.77 -5.80
C VAL B 233 20.61 -12.68 -4.89
N LEU B 234 20.90 -13.03 -3.64
CA LEU B 234 21.49 -12.07 -2.70
C LEU B 234 22.75 -11.38 -3.26
N ASP B 235 23.50 -12.10 -4.09
CA ASP B 235 24.74 -11.58 -4.72
C ASP B 235 24.53 -10.82 -6.03
N VAL B 236 23.32 -10.84 -6.58
CA VAL B 236 23.02 -10.13 -7.83
C VAL B 236 22.31 -8.84 -7.47
N ILE B 237 23.06 -7.73 -7.47
CA ILE B 237 22.54 -6.45 -7.03
C ILE B 237 21.93 -5.68 -8.19
N PRO B 238 20.60 -5.40 -8.13
CA PRO B 238 19.97 -4.63 -9.21
C PRO B 238 20.61 -3.27 -9.39
N GLN B 239 20.70 -2.81 -10.64
CA GLN B 239 21.28 -1.54 -10.96
C GLN B 239 20.23 -0.64 -11.58
N ALA B 240 20.46 0.67 -11.49
CA ALA B 240 19.60 1.65 -12.13
C ALA B 240 19.66 1.51 -13.66
N ASN B 241 18.57 1.89 -14.34
N ASN B 241 18.56 1.89 -14.31
CA ASN B 241 18.48 1.84 -15.81
CA ASN B 241 18.39 1.83 -15.77
C ASN B 241 17.78 3.12 -16.26
C ASN B 241 17.76 3.14 -16.23
N ALA B 242 18.58 4.13 -16.57
CA ALA B 242 18.07 5.44 -16.99
C ALA B 242 17.16 5.45 -18.24
N ASP B 243 17.22 4.39 -19.06
CA ASP B 243 16.40 4.29 -20.28
C ASP B 243 15.04 3.62 -20.08
N TRP B 244 14.81 3.02 -18.91
CA TRP B 244 13.56 2.31 -18.65
C TRP B 244 12.37 3.27 -18.56
N THR B 245 11.25 2.84 -19.13
CA THR B 245 10.00 3.60 -19.04
C THR B 245 8.91 2.62 -18.70
N VAL B 246 7.85 3.13 -18.07
CA VAL B 246 6.69 2.31 -17.75
C VAL B 246 6.06 1.75 -19.03
N GLU B 247 6.03 2.58 -20.06
CA GLU B 247 5.34 2.24 -21.30
C GLU B 247 5.99 1.09 -22.10
N SER B 248 7.30 0.91 -21.97
CA SER B 248 8.01 -0.20 -22.65
C SER B 248 8.64 -1.20 -21.67
N GLY B 249 8.44 -1.02 -20.37
CA GLY B 249 8.97 -1.92 -19.33
C GLY B 249 7.93 -2.82 -18.65
N SER B 250 8.11 -3.08 -17.34
CA SER B 250 7.28 -4.03 -16.57
C SER B 250 6.99 -3.66 -15.11
N PRO B 251 5.95 -4.29 -14.50
CA PRO B 251 5.67 -4.09 -13.07
C PRO B 251 6.76 -4.74 -12.16
N ALA B 252 7.73 -5.38 -12.80
CA ALA B 252 8.83 -6.08 -12.11
C ALA B 252 10.22 -5.53 -12.41
N THR B 253 10.25 -4.44 -13.17
CA THR B 253 11.47 -3.73 -13.48
C THR B 253 11.24 -2.25 -13.20
N SER B 254 12.28 -1.45 -13.32
CA SER B 254 12.19 -0.02 -13.17
C SER B 254 13.45 0.64 -13.64
N SER B 255 13.40 1.95 -13.63
CA SER B 255 14.56 2.78 -13.84
C SER B 255 15.34 2.76 -12.53
N ALA B 256 14.63 2.50 -11.44
CA ALA B 256 15.27 2.39 -10.13
C ALA B 256 15.90 1.00 -9.99
N PRO B 257 16.83 0.82 -9.01
CA PRO B 257 17.38 -0.51 -8.80
C PRO B 257 16.39 -1.44 -8.06
N TYR B 258 15.33 -1.81 -8.76
CA TYR B 258 14.21 -2.59 -8.26
C TYR B 258 13.89 -3.76 -9.16
N ARG B 259 13.75 -4.94 -8.59
CA ARG B 259 13.36 -6.12 -9.33
C ARG B 259 12.40 -6.99 -8.55
N VAL B 260 11.54 -7.68 -9.27
CA VAL B 260 10.70 -8.71 -8.71
C VAL B 260 10.80 -9.96 -9.62
N TYR B 261 10.90 -11.14 -8.99
CA TYR B 261 10.97 -12.43 -9.69
C TYR B 261 10.08 -13.48 -9.06
N ASN B 262 9.48 -14.35 -9.87
CA ASN B 262 8.82 -15.53 -9.38
C ASN B 262 9.95 -16.49 -8.98
N ILE B 263 9.73 -17.24 -7.91
CA ILE B 263 10.65 -18.29 -7.47
C ILE B 263 9.83 -19.55 -7.26
N GLY B 264 10.25 -20.63 -7.91
CA GLY B 264 9.52 -21.87 -7.74
C GLY B 264 10.01 -22.97 -8.64
N ASN B 265 9.13 -23.95 -8.86
CA ASN B 265 9.46 -25.14 -9.63
C ASN B 265 8.40 -25.33 -10.69
N SER B 266 8.68 -24.85 -11.90
CA SER B 266 7.74 -25.00 -13.03
C SER B 266 7.78 -26.44 -13.52
N SER B 267 6.99 -27.28 -12.85
CA SER B 267 6.89 -28.71 -13.15
C SER B 267 5.43 -29.12 -13.01
N PRO B 268 4.93 -29.96 -13.95
CA PRO B 268 3.52 -30.36 -13.86
C PRO B 268 3.30 -31.40 -12.76
N VAL B 269 2.80 -30.93 -11.61
CA VAL B 269 2.53 -31.79 -10.46
C VAL B 269 1.26 -31.35 -9.74
N GLU B 270 0.25 -32.22 -9.73
CA GLU B 270 -1.00 -31.94 -9.03
C GLU B 270 -0.86 -32.37 -7.57
N LEU B 271 -1.82 -32.01 -6.75
CA LEU B 271 -1.79 -32.31 -5.31
C LEU B 271 -1.74 -33.81 -5.00
N MSE B 272 -2.32 -34.64 -5.87
CA MSE B 272 -2.37 -36.09 -5.63
C MSE B 272 -1.02 -36.77 -5.66
O MSE B 272 -0.81 -37.73 -4.92
CB MSE B 272 -3.30 -36.76 -6.66
CG MSE B 272 -3.79 -38.14 -6.20
SE MSE B 272 -4.92 -38.01 -4.58
CE MSE B 272 -4.33 -39.67 -3.68
N ASP B 273 -0.09 -36.27 -6.47
CA ASP B 273 1.26 -36.86 -6.54
C ASP B 273 1.94 -36.83 -5.18
N TYR B 274 1.88 -35.68 -4.51
CA TYR B 274 2.45 -35.53 -3.17
C TYR B 274 1.69 -36.37 -2.13
N ILE B 275 0.37 -36.49 -2.30
CA ILE B 275 -0.43 -37.35 -1.40
C ILE B 275 0.02 -38.80 -1.60
N THR B 276 0.28 -39.19 -2.85
CA THR B 276 0.76 -40.53 -3.17
C THR B 276 2.18 -40.74 -2.62
N ALA B 277 3.00 -39.71 -2.71
CA ALA B 277 4.38 -39.76 -2.20
C ALA B 277 4.42 -40.00 -0.69
N LEU B 278 3.50 -39.37 0.03
CA LEU B 278 3.39 -39.56 1.49
C LEU B 278 3.09 -41.01 1.84
N GLU B 279 2.02 -41.55 1.24
CA GLU B 279 1.60 -42.93 1.48
C GLU B 279 2.71 -43.92 1.12
N GLU B 280 3.46 -43.61 0.06
CA GLU B 280 4.62 -44.41 -0.35
C GLU B 280 5.73 -44.36 0.72
N ALA B 281 5.99 -43.17 1.26
CA ALA B 281 7.04 -42.99 2.28
C ALA B 281 6.63 -43.43 3.69
N LEU B 282 5.35 -43.32 4.01
CA LEU B 282 4.82 -43.71 5.32
C LEU B 282 4.38 -45.18 5.36
N GLY B 283 4.15 -45.77 4.19
CA GLY B 283 3.72 -47.16 4.10
C GLY B 283 2.27 -47.36 4.47
N MSE B 284 1.43 -46.38 4.12
CA MSE B 284 -0.02 -46.41 4.42
C MSE B 284 -0.64 -45.17 3.85
O MSE B 284 -1.74 -45.21 3.29
CB MSE B 284 -0.24 -46.56 5.94
CG MSE B 284 -1.41 -45.80 6.55
SE MSE B 284 -0.78 -44.04 7.16
CE MSE B 284 0.15 -44.62 8.81
N THR B 301 -3.20 -24.11 -12.65
CA THR B 301 -2.28 -23.10 -12.11
C THR B 301 -0.79 -23.39 -12.41
N SER B 302 -0.20 -22.57 -13.29
CA SER B 302 1.22 -22.65 -13.64
C SER B 302 1.87 -21.28 -13.53
N ALA B 303 3.20 -21.26 -13.52
CA ALA B 303 3.99 -20.06 -13.27
C ALA B 303 5.25 -19.96 -14.11
N ASP B 304 5.58 -18.75 -14.57
CA ASP B 304 6.78 -18.52 -15.36
C ASP B 304 7.94 -18.22 -14.42
N THR B 305 8.77 -19.22 -14.18
CA THR B 305 9.93 -19.08 -13.31
C THR B 305 11.26 -19.02 -14.08
N GLN B 306 11.17 -18.78 -15.39
N GLN B 306 11.19 -18.79 -15.40
CA GLN B 306 12.33 -18.72 -16.30
CA GLN B 306 12.41 -18.75 -16.23
C GLN B 306 13.27 -17.52 -16.07
C GLN B 306 13.30 -17.53 -15.99
N PRO B 307 12.71 -16.33 -15.74
CA PRO B 307 13.58 -15.17 -15.48
C PRO B 307 14.54 -15.36 -14.29
N LEU B 308 14.11 -16.08 -13.25
CA LEU B 308 14.99 -16.36 -12.11
C LEU B 308 16.02 -17.46 -12.45
N TYR B 309 15.58 -18.53 -13.12
CA TYR B 309 16.51 -19.62 -13.46
C TYR B 309 17.66 -19.08 -14.32
N ASP B 310 17.35 -18.13 -15.21
CA ASP B 310 18.38 -17.50 -16.05
C ASP B 310 19.34 -16.67 -15.21
N LEU B 311 18.80 -15.65 -14.54
CA LEU B 311 19.60 -14.73 -13.72
C LEU B 311 20.66 -15.41 -12.86
N VAL B 312 20.31 -16.52 -12.22
CA VAL B 312 21.23 -17.22 -11.32
C VAL B 312 21.78 -18.53 -11.89
N GLY B 313 21.31 -18.93 -13.07
CA GLY B 313 21.78 -20.17 -13.73
C GLY B 313 21.47 -21.45 -12.97
N PHE B 314 20.36 -21.47 -12.24
CA PHE B 314 19.98 -22.64 -11.44
C PHE B 314 18.50 -22.93 -11.56
N LYS B 315 18.15 -24.22 -11.48
CA LYS B 315 16.77 -24.69 -11.58
C LYS B 315 16.57 -25.83 -10.57
N PRO B 316 15.43 -25.86 -9.85
CA PRO B 316 15.22 -26.93 -8.85
C PRO B 316 15.30 -28.33 -9.44
N GLN B 317 16.11 -29.18 -8.81
CA GLN B 317 16.34 -30.55 -9.29
C GLN B 317 16.09 -31.66 -8.25
N THR B 318 15.35 -31.33 -7.17
CA THR B 318 14.99 -32.32 -6.15
C THR B 318 13.68 -32.99 -6.55
N SER B 319 13.66 -34.32 -6.57
CA SER B 319 12.47 -35.08 -6.93
C SER B 319 11.48 -35.20 -5.76
N VAL B 320 10.20 -35.22 -6.09
CA VAL B 320 9.12 -35.33 -5.09
C VAL B 320 9.35 -36.51 -4.15
N LYS B 321 9.85 -37.63 -4.69
CA LYS B 321 10.15 -38.83 -3.90
C LYS B 321 11.21 -38.54 -2.84
N ASP B 322 12.35 -37.99 -3.26
CA ASP B 322 13.44 -37.67 -2.34
C ASP B 322 13.01 -36.60 -1.32
N GLY B 323 12.23 -35.62 -1.79
CA GLY B 323 11.79 -34.50 -0.95
C GLY B 323 10.89 -34.94 0.18
N VAL B 324 9.85 -35.70 -0.15
CA VAL B 324 8.90 -36.20 0.84
C VAL B 324 9.61 -37.18 1.78
N LYS B 325 10.54 -37.97 1.25
CA LYS B 325 11.32 -38.89 2.07
C LYS B 325 12.14 -38.12 3.11
N ASN B 326 12.80 -37.05 2.67
CA ASN B 326 13.57 -36.18 3.58
C ASN B 326 12.65 -35.57 4.64
N PHE B 327 11.45 -35.17 4.23
CA PHE B 327 10.47 -34.60 5.17
C PHE B 327 10.04 -35.64 6.20
N VAL B 328 9.63 -36.81 5.74
CA VAL B 328 9.14 -37.86 6.64
C VAL B 328 10.26 -38.32 7.57
N ASP B 329 11.48 -38.45 7.02
CA ASP B 329 12.63 -38.84 7.84
C ASP B 329 12.84 -37.81 8.94
N TRP B 330 12.75 -36.54 8.57
CA TRP B 330 12.87 -35.48 9.57
C TRP B 330 11.69 -35.53 10.54
N TYR B 331 10.47 -35.64 9.99
CA TYR B 331 9.26 -35.68 10.81
C TYR B 331 9.32 -36.78 11.86
N LYS B 332 9.64 -38.00 11.42
CA LYS B 332 9.71 -39.16 12.32
C LYS B 332 10.85 -39.02 13.34
N ASP B 333 11.99 -38.52 12.88
CA ASP B 333 13.15 -38.30 13.76
C ASP B 333 12.81 -37.26 14.83
N TYR B 334 12.31 -36.12 14.39
CA TYR B 334 12.00 -35.01 15.30
C TYR B 334 10.85 -35.30 16.27
N TYR B 335 9.75 -35.88 15.76
CA TYR B 335 8.57 -36.14 16.61
C TYR B 335 8.52 -37.51 17.33
N GLN B 336 9.54 -38.36 17.14
CA GLN B 336 9.59 -39.68 17.80
C GLN B 336 11.00 -39.96 18.31
PA NAD C . -6.28 18.17 5.18
O1A NAD C . -6.83 19.55 5.18
O2A NAD C . -4.92 17.88 5.76
O5B NAD C . -7.39 17.21 5.85
C5B NAD C . -7.12 15.90 6.33
C4B NAD C . -7.58 15.84 7.78
O4B NAD C . -7.23 14.51 8.22
C3B NAD C . -6.88 16.84 8.69
O3B NAD C . -7.75 17.78 9.33
C2B NAD C . -6.13 15.93 9.68
O2B NAD C . -6.09 16.45 11.02
C1B NAD C . -6.85 14.58 9.57
N9A NAD C . -5.99 13.44 9.92
C8A NAD C . -4.76 13.16 9.43
N7A NAD C . -4.28 12.05 9.99
C5A NAD C . -5.22 11.59 10.84
C6A NAD C . -5.32 10.46 11.78
N6A NAD C . -4.34 9.57 11.92
N1A NAD C . -6.45 10.36 12.48
C2A NAD C . -7.45 11.24 12.38
N3A NAD C . -7.43 12.31 11.56
C4A NAD C . -6.32 12.51 10.79
O3 NAD C . -6.18 17.58 3.67
PN NAD C . -7.30 17.53 2.52
O1N NAD C . -8.64 17.89 3.00
O2N NAD C . -6.64 18.22 1.33
O5D NAD C . -7.24 15.97 2.21
C5D NAD C . -8.35 15.07 2.26
C4D NAD C . -7.91 13.81 1.54
O4D NAD C . -7.80 14.08 0.12
C3D NAD C . -6.58 13.18 1.94
O3D NAD C . -6.75 11.76 1.94
C2D NAD C . -5.63 13.54 0.81
O2D NAD C . -4.59 12.56 0.61
C1D NAD C . -6.55 13.62 -0.39
N1N NAD C . -6.07 14.56 -1.41
C2N NAD C . -6.24 15.90 -1.32
C3N NAD C . -5.76 16.77 -2.32
C7N NAD C . -5.92 18.30 -2.29
O7N NAD C . -5.62 18.96 -3.29
N7N NAD C . -6.33 18.97 -1.20
C4N NAD C . -5.08 16.24 -3.39
C5N NAD C . -4.90 14.86 -3.46
C6N NAD C . -5.38 14.04 -2.45
CL CL D . -6.50 26.90 -2.06
PA NAD E . 7.33 -18.93 9.03
O1A NAD E . 7.86 -20.31 9.37
O2A NAD E . 6.10 -18.45 9.73
O5B NAD E . 8.56 -17.90 9.27
C5B NAD E . 8.32 -16.54 9.52
C4B NAD E . 8.96 -16.11 10.82
O4B NAD E . 8.71 -14.73 10.95
C3B NAD E . 8.35 -16.80 12.04
O3B NAD E . 9.33 -17.55 12.77
C2B NAD E . 7.76 -15.64 12.85
O2B NAD E . 7.86 -15.83 14.27
C1B NAD E . 8.51 -14.41 12.30
N9A NAD E . 7.73 -13.18 12.46
C8A NAD E . 6.47 -13.01 12.07
N7A NAD E . 6.04 -11.77 12.37
C5A NAD E . 7.06 -11.13 13.00
C6A NAD E . 7.26 -9.79 13.58
N6A NAD E . 6.27 -8.88 13.58
N1A NAD E . 8.45 -9.56 14.11
C2A NAD E . 9.45 -10.47 14.12
N3A NAD E . 9.34 -11.71 13.60
C4A NAD E . 8.17 -12.08 13.04
O3 NAD E . 7.08 -18.72 7.45
PN NAD E . 8.01 -19.21 6.23
O1N NAD E . 9.43 -19.43 6.72
O2N NAD E . 7.28 -20.30 5.48
O5D NAD E . 7.88 -17.89 5.34
C5D NAD E . 8.93 -16.94 5.15
C4D NAD E . 8.55 -15.79 4.25
O4D NAD E . 8.25 -16.33 2.94
C3D NAD E . 7.28 -15.03 4.69
O3D NAD E . 7.43 -13.66 4.30
C2D NAD E . 6.20 -15.64 3.86
O2D NAD E . 5.17 -14.68 3.59
C1D NAD E . 6.91 -16.03 2.59
N1N NAD E . 6.29 -17.20 1.94
C2N NAD E . 6.54 -18.47 2.33
C3N NAD E . 5.93 -19.55 1.67
C7N NAD E . 6.11 -20.99 2.02
O7N NAD E . 5.61 -21.84 1.26
N7N NAD E . 6.76 -21.37 3.13
C4N NAD E . 5.06 -19.28 0.64
C5N NAD E . 4.84 -17.97 0.27
C6N NAD E . 5.45 -16.93 0.93
#